data_6C6K
#
_entry.id   6C6K
#
_cell.length_a   51.957
_cell.length_b   80.484
_cell.length_c   88.054
_cell.angle_alpha   79.820
_cell.angle_beta   78.810
_cell.angle_gamma   90.040
#
_symmetry.space_group_name_H-M   'P 1'
#
loop_
_entity.id
_entity.type
_entity.pdbx_description
1 polymer 'Interferon-induced protein with tetratricopeptide repeats 1'
2 polymer 'Interferon-induced protein with tetratricopeptide repeats 3'
3 polymer "RNA (5'-R((M7G)*P*AP*UP*AP*GP*GP*CP*GP*GP*CP*G)-3')"
4 non-polymer 'MAGNESIUM ION'
5 water water
#
loop_
_entity_poly.entity_id
_entity_poly.type
_entity_poly.pdbx_seq_one_letter_code
_entity_poly.pdbx_strand_id
1 'polypeptide(L)'
;DHQVKDSLEQLRCHFTWELSIDDDEMPDLENRVLDQIEFLDTKYSVGIHNLLAYVKHLKGQNEEALKSLKEAENLMQEEH
DNQANVRSLVTWGNFAWMYYHMGRLAEAQTYLDKVENICKKLSNPFRYRMECPEIDCEEGWALLKCGGKNYERAKACFEK
VLEVDPENPESSAGYAISAYRLDGFKLATKNHKPFSLLPLRQAVRLNPDNGYIKVLLALKLQDEGQEAEGEKYIEEALAN
MSSQTYVFRYAAKFYRRKGSVDKALELLKKALQETPTSVLLHHQIGLCYKAQMIQIKEATKGQPRGQNREKLDKMIRSAI
FHFESAVEKKPTFEVAHLDLARMYIEAGNHRKAEENFQKLLCMKPVVEETMQDIHFHYGRFQEFQKKSDVNAIIHYLKAI
KIEQASLTRDKSINSLKKLVLRKLRRKALDLESLSLLGFVYKLEGNMNEALEYYERALRLAADFE
;
A,B
2 'polypeptide(L)' NYWYLQGLIHKQNGDLLQAAKCYEKELGRLLRDAPSGIGSIFLS C,D
3 'polyribonucleotide' (M7G)AUAGGCGGCG E,F
#
loop_
_chem_comp.id
_chem_comp.type
_chem_comp.name
_chem_comp.formula
A RNA linking ADENOSINE-5'-MONOPHOSPHATE 'C10 H14 N5 O7 P'
C RNA linking CYTIDINE-5'-MONOPHOSPHATE 'C9 H14 N3 O8 P'
G RNA linking GUANOSINE-5'-MONOPHOSPHATE 'C10 H14 N5 O8 P'
M7G non-polymer 7N-METHYL-8-HYDROGUANOSINE-5'-DIPHOSPHATE 'C11 H18 N5 O11 P2 1'
MG non-polymer 'MAGNESIUM ION' 'Mg 2'
U RNA linking URIDINE-5'-MONOPHOSPHATE 'C9 H13 N2 O9 P'
#
# COMPACT_ATOMS: atom_id res chain seq x y z
N GLN A 3 -0.69 -33.73 -39.71
CA GLN A 3 -0.64 -35.06 -39.02
C GLN A 3 -1.10 -34.93 -37.53
N VAL A 4 -0.16 -34.94 -36.57
CA VAL A 4 -0.40 -34.39 -35.22
C VAL A 4 -0.61 -32.86 -35.25
N LYS A 5 -0.03 -32.19 -36.26
CA LYS A 5 -0.10 -30.72 -36.41
C LYS A 5 -1.51 -30.13 -36.57
N ASP A 6 -2.43 -30.90 -37.13
CA ASP A 6 -3.83 -30.49 -37.22
C ASP A 6 -4.53 -30.67 -35.88
N SER A 7 -4.07 -31.64 -35.08
CA SER A 7 -4.54 -31.79 -33.70
C SER A 7 -4.12 -30.59 -32.84
N LEU A 8 -2.88 -30.16 -33.04
CA LEU A 8 -2.28 -29.04 -32.27
C LEU A 8 -3.07 -27.74 -32.50
N GLU A 9 -3.37 -27.45 -33.77
CA GLU A 9 -4.13 -26.29 -34.18
C GLU A 9 -5.56 -26.22 -33.59
N GLN A 10 -6.08 -27.29 -33.02
CA GLN A 10 -7.37 -27.27 -32.33
C GLN A 10 -7.21 -26.88 -30.87
N LEU A 11 -5.99 -26.90 -30.33
CA LEU A 11 -5.75 -26.64 -28.91
C LEU A 11 -5.92 -25.17 -28.55
N ARG A 12 -6.60 -24.91 -27.43
CA ARG A 12 -6.71 -23.56 -26.90
C ARG A 12 -5.57 -23.27 -25.89
N CYS A 13 -4.58 -22.55 -26.39
CA CYS A 13 -3.39 -22.22 -25.64
C CYS A 13 -2.60 -21.07 -26.36
N HIS A 14 -1.47 -20.69 -25.81
CA HIS A 14 -0.71 -19.53 -26.31
C HIS A 14 -0.34 -19.66 -27.77
N PHE A 15 -0.01 -20.87 -28.20
CA PHE A 15 0.45 -21.08 -29.58
C PHE A 15 -0.62 -20.87 -30.64
N THR A 16 -1.89 -20.94 -30.26
CA THR A 16 -2.98 -20.76 -31.22
C THR A 16 -3.79 -19.48 -31.06
N TRP A 17 -3.44 -18.65 -30.09
CA TRP A 17 -4.18 -17.43 -29.78
C TRP A 17 -3.71 -16.22 -30.56
N GLU A 18 -2.71 -16.37 -31.43
CA GLU A 18 -2.23 -15.27 -32.26
C GLU A 18 -2.10 -14.04 -31.36
N LEU A 19 -1.17 -14.10 -30.42
CA LEU A 19 -0.85 -12.93 -29.57
C LEU A 19 0.10 -12.03 -30.37
N SER A 20 -0.22 -10.75 -30.45
CA SER A 20 0.46 -9.86 -31.36
C SER A 20 1.71 -9.40 -30.61
N ILE A 21 2.85 -9.99 -30.99
CA ILE A 21 4.12 -9.74 -30.28
C ILE A 21 5.21 -9.41 -31.29
N ASP A 22 5.43 -8.10 -31.50
CA ASP A 22 6.58 -7.59 -32.26
C ASP A 22 7.84 -8.16 -31.66
N ASP A 23 8.92 -8.28 -32.44
CA ASP A 23 10.23 -8.69 -31.91
C ASP A 23 10.79 -7.62 -31.00
N ASP A 24 10.44 -6.39 -31.35
CA ASP A 24 10.88 -5.21 -30.64
C ASP A 24 10.37 -5.14 -29.21
N GLU A 25 9.20 -5.70 -28.95
CA GLU A 25 8.55 -5.69 -27.64
C GLU A 25 8.88 -6.86 -26.72
N MET A 26 9.80 -7.73 -27.17
CA MET A 26 10.09 -9.01 -26.49
C MET A 26 10.92 -8.87 -25.22
N PRO A 27 12.04 -8.14 -25.26
CA PRO A 27 12.74 -7.88 -24.01
C PRO A 27 11.82 -7.34 -22.94
N ASP A 28 11.02 -6.36 -23.30
CA ASP A 28 10.12 -5.72 -22.34
C ASP A 28 9.04 -6.64 -21.80
N LEU A 29 8.44 -7.43 -22.69
CA LEU A 29 7.38 -8.33 -22.29
C LEU A 29 7.90 -9.37 -21.28
N GLU A 30 9.11 -9.87 -21.48
CA GLU A 30 9.68 -10.90 -20.62
C GLU A 30 9.91 -10.31 -19.26
N ASN A 31 10.43 -9.10 -19.25
CA ASN A 31 10.65 -8.35 -18.03
C ASN A 31 9.34 -8.11 -17.25
N ARG A 32 8.29 -7.76 -17.96
CA ARG A 32 6.98 -7.65 -17.33
C ARG A 32 6.40 -8.99 -16.89
N VAL A 33 6.75 -10.06 -17.58
CA VAL A 33 6.28 -11.37 -17.14
C VAL A 33 6.97 -11.71 -15.81
N LEU A 34 8.29 -11.57 -15.76
CA LEU A 34 9.06 -11.87 -14.53
C LEU A 34 8.61 -11.07 -13.30
N ASP A 35 8.32 -9.79 -13.54
CA ASP A 35 7.81 -8.88 -12.51
C ASP A 35 6.47 -9.33 -11.96
N GLN A 36 5.56 -9.73 -12.84
CA GLN A 36 4.24 -10.20 -12.45
C GLN A 36 4.31 -11.43 -11.61
N ILE A 37 5.11 -12.39 -12.07
CA ILE A 37 5.43 -13.58 -11.31
C ILE A 37 5.93 -13.32 -9.89
N GLU A 38 6.85 -12.36 -9.75
CA GLU A 38 7.39 -11.94 -8.44
C GLU A 38 6.45 -11.10 -7.59
N PHE A 39 5.71 -10.16 -8.19
CA PHE A 39 5.04 -9.07 -7.44
C PHE A 39 3.49 -8.95 -7.53
N LEU A 40 2.84 -9.63 -8.48
CA LEU A 40 1.40 -9.52 -8.60
C LEU A 40 0.71 -10.51 -7.69
N ASP A 41 -0.22 -10.06 -6.86
CA ASP A 41 -0.94 -10.98 -5.99
CA ASP A 41 -1.03 -10.88 -5.96
C ASP A 41 -2.21 -11.42 -6.74
N THR A 42 -2.13 -12.65 -7.27
CA THR A 42 -3.30 -13.26 -7.87
C THR A 42 -3.59 -14.67 -7.33
N LYS A 43 -4.79 -15.16 -7.63
CA LYS A 43 -5.25 -16.45 -7.13
C LYS A 43 -4.51 -17.61 -7.83
N TYR A 44 -4.36 -17.55 -9.15
CA TYR A 44 -3.62 -18.58 -9.91
C TYR A 44 -2.48 -17.93 -10.71
N SER A 45 -1.26 -18.40 -10.48
CA SER A 45 -0.08 -17.93 -11.18
C SER A 45 0.34 -18.86 -12.31
N VAL A 46 -0.55 -19.78 -12.68
CA VAL A 46 -0.28 -20.75 -13.75
C VAL A 46 -0.22 -20.05 -15.13
N GLY A 47 -1.17 -19.15 -15.36
CA GLY A 47 -1.28 -18.37 -16.60
C GLY A 47 0.00 -17.67 -17.00
N ILE A 48 0.54 -16.88 -16.07
CA ILE A 48 1.72 -16.08 -16.35
C ILE A 48 3.00 -16.90 -16.64
N HIS A 49 3.16 -18.06 -15.98
CA HIS A 49 4.27 -18.99 -16.31
C HIS A 49 4.06 -19.66 -17.67
N ASN A 50 2.80 -19.93 -18.02
CA ASN A 50 2.51 -20.41 -19.38
C ASN A 50 2.93 -19.37 -20.38
N LEU A 51 2.59 -18.11 -20.10
CA LEU A 51 3.09 -17.03 -20.94
C LEU A 51 4.62 -16.92 -20.86
N LEU A 52 5.24 -17.07 -19.68
CA LEU A 52 6.72 -17.02 -19.69
C LEU A 52 7.31 -18.04 -20.65
N ALA A 53 6.73 -19.24 -20.63
CA ALA A 53 7.11 -20.34 -21.53
C ALA A 53 7.03 -19.92 -22.98
N TYR A 54 5.87 -19.42 -23.39
CA TYR A 54 5.72 -18.94 -24.77
C TYR A 54 6.81 -17.93 -25.20
N VAL A 55 7.10 -16.98 -24.32
CA VAL A 55 8.09 -15.94 -24.63
C VAL A 55 9.47 -16.60 -24.79
N LYS A 56 9.82 -17.52 -23.91
CA LYS A 56 11.09 -18.25 -24.05
C LYS A 56 11.16 -18.95 -25.40
N HIS A 57 10.07 -19.63 -25.76
CA HIS A 57 9.98 -20.27 -27.06
C HIS A 57 10.17 -19.32 -28.23
N LEU A 58 9.54 -18.15 -28.19
CA LEU A 58 9.83 -17.11 -29.22
C LEU A 58 11.26 -16.56 -29.19
N LYS A 59 11.94 -16.64 -28.06
CA LYS A 59 13.33 -16.19 -27.96
C LYS A 59 14.32 -17.18 -28.53
N GLY A 60 13.91 -18.44 -28.70
CA GLY A 60 14.80 -19.51 -29.15
C GLY A 60 15.44 -20.25 -27.99
N GLN A 61 14.72 -20.38 -26.88
CA GLN A 61 15.21 -21.01 -25.64
C GLN A 61 14.22 -22.04 -25.13
N ASN A 62 14.14 -23.15 -25.84
CA ASN A 62 13.10 -24.16 -25.59
C ASN A 62 13.17 -24.93 -24.27
N GLU A 63 14.37 -25.09 -23.73
CA GLU A 63 14.57 -25.86 -22.51
C GLU A 63 14.16 -24.97 -21.34
N GLU A 64 14.43 -23.67 -21.45
CA GLU A 64 13.90 -22.69 -20.50
C GLU A 64 12.37 -22.64 -20.58
N ALA A 65 11.84 -22.56 -21.80
CA ALA A 65 10.39 -22.70 -21.99
C ALA A 65 9.85 -23.94 -21.32
N LEU A 66 10.54 -25.06 -21.53
CA LEU A 66 10.11 -26.29 -20.85
C LEU A 66 10.14 -26.15 -19.34
N LYS A 67 11.22 -25.59 -18.79
CA LYS A 67 11.31 -25.31 -17.36
C LYS A 67 10.06 -24.57 -16.89
N SER A 68 9.63 -23.52 -17.62
CA SER A 68 8.46 -22.69 -17.17
C SER A 68 7.14 -23.47 -17.18
N LEU A 69 6.97 -24.32 -18.19
CA LEU A 69 5.80 -25.20 -18.23
C LEU A 69 5.83 -26.19 -17.08
N LYS A 70 7.01 -26.76 -16.75
CA LYS A 70 7.12 -27.67 -15.58
C LYS A 70 6.82 -26.94 -14.25
N GLU A 71 7.21 -25.68 -14.14
CA GLU A 71 6.85 -24.90 -12.97
C GLU A 71 5.34 -24.64 -12.87
N ALA A 72 4.70 -24.38 -14.00
CA ALA A 72 3.24 -24.21 -14.05
C ALA A 72 2.49 -25.49 -13.69
N GLU A 73 3.02 -26.62 -14.15
CA GLU A 73 2.46 -27.95 -13.87
C GLU A 73 2.53 -28.24 -12.38
N ASN A 74 3.69 -27.93 -11.77
CA ASN A 74 3.96 -28.06 -10.32
C ASN A 74 3.07 -27.23 -9.40
N LEU A 75 2.50 -26.16 -9.93
CA LEU A 75 1.46 -25.42 -9.24
C LEU A 75 0.05 -26.01 -9.46
N MET A 76 -0.22 -26.60 -10.63
CA MET A 76 -1.46 -27.34 -10.86
C MET A 76 -1.30 -28.81 -10.51
N ALA A 84 -9.90 -23.77 -11.40
CA ALA A 84 -9.91 -25.22 -11.22
C ALA A 84 -8.84 -25.93 -12.08
N ASN A 85 -8.76 -27.25 -11.92
CA ASN A 85 -7.89 -28.14 -12.73
C ASN A 85 -7.93 -27.96 -14.27
N VAL A 86 -9.07 -27.51 -14.80
CA VAL A 86 -9.23 -27.28 -16.26
C VAL A 86 -8.19 -26.33 -16.89
N ARG A 87 -7.68 -25.37 -16.11
CA ARG A 87 -6.60 -24.44 -16.55
C ARG A 87 -5.28 -25.16 -16.92
N SER A 88 -5.09 -26.35 -16.36
CA SER A 88 -3.99 -27.23 -16.76
C SER A 88 -3.99 -27.51 -18.26
N LEU A 89 -5.16 -27.52 -18.89
CA LEU A 89 -5.27 -27.73 -20.35
C LEU A 89 -4.44 -26.79 -21.20
N VAL A 90 -4.25 -25.54 -20.75
CA VAL A 90 -3.39 -24.56 -21.46
C VAL A 90 -1.93 -25.00 -21.34
N THR A 91 -1.57 -25.39 -20.10
CA THR A 91 -0.25 -25.94 -19.85
C THR A 91 0.03 -27.13 -20.77
N TRP A 92 -0.93 -28.06 -20.82
CA TRP A 92 -0.78 -29.30 -21.61
C TRP A 92 -0.72 -29.06 -23.11
N GLY A 93 -1.56 -28.16 -23.63
CA GLY A 93 -1.45 -27.73 -25.02
C GLY A 93 -0.16 -27.02 -25.38
N ASN A 94 0.35 -26.21 -24.45
CA ASN A 94 1.68 -25.60 -24.64
C ASN A 94 2.78 -26.66 -24.63
N PHE A 95 2.63 -27.67 -23.78
CA PHE A 95 3.58 -28.78 -23.77
C PHE A 95 3.60 -29.51 -25.11
N ALA A 96 2.41 -29.86 -25.56
CA ALA A 96 2.24 -30.46 -26.88
C ALA A 96 2.96 -29.67 -27.97
N TRP A 97 2.79 -28.36 -27.99
CA TRP A 97 3.45 -27.58 -29.01
C TRP A 97 4.95 -27.52 -28.78
N MET A 98 5.33 -27.41 -27.51
CA MET A 98 6.74 -27.38 -27.19
C MET A 98 7.41 -28.60 -27.77
N TYR A 99 6.92 -29.77 -27.38
CA TYR A 99 7.58 -31.03 -27.78
C TYR A 99 7.58 -31.20 -29.29
N TYR A 100 6.48 -30.79 -29.95
CA TYR A 100 6.44 -30.74 -31.42
C TYR A 100 7.63 -29.94 -31.95
N HIS A 101 7.77 -28.69 -31.53
CA HIS A 101 8.75 -27.76 -32.14
C HIS A 101 10.19 -28.23 -31.94
N MET A 102 10.44 -28.86 -30.79
CA MET A 102 11.71 -29.52 -30.51
C MET A 102 11.91 -30.80 -31.37
N GLY A 103 10.86 -31.61 -31.47
CA GLY A 103 10.86 -32.82 -32.29
C GLY A 103 10.80 -34.07 -31.43
N ARG A 104 9.85 -34.11 -30.50
CA ARG A 104 9.58 -35.26 -29.63
C ARG A 104 8.12 -35.66 -29.86
N LEU A 105 7.84 -36.06 -31.11
CA LEU A 105 6.48 -36.34 -31.61
C LEU A 105 5.67 -37.30 -30.75
N ALA A 106 6.35 -38.21 -30.05
CA ALA A 106 5.69 -39.10 -29.09
C ALA A 106 5.25 -38.35 -27.84
N GLU A 107 6.12 -37.48 -27.33
CA GLU A 107 5.80 -36.69 -26.14
C GLU A 107 4.68 -35.65 -26.40
N ALA A 108 4.76 -34.94 -27.54
CA ALA A 108 3.66 -34.08 -28.00
C ALA A 108 2.35 -34.84 -27.95
N GLN A 109 2.34 -35.97 -28.65
CA GLN A 109 1.16 -36.82 -28.72
C GLN A 109 0.69 -37.22 -27.32
N THR A 110 1.62 -37.60 -26.43
CA THR A 110 1.26 -37.93 -25.03
C THR A 110 0.35 -36.86 -24.43
N TYR A 111 0.78 -35.60 -24.62
CA TYR A 111 0.10 -34.44 -24.05
C TYR A 111 -1.22 -34.11 -24.79
N LEU A 112 -1.23 -34.21 -26.12
CA LEU A 112 -2.51 -34.14 -26.86
C LEU A 112 -3.57 -35.11 -26.28
N ASP A 113 -3.15 -36.36 -26.03
CA ASP A 113 -4.05 -37.41 -25.50
C ASP A 113 -4.58 -37.08 -24.11
N LYS A 114 -3.76 -36.42 -23.29
CA LYS A 114 -4.20 -35.94 -21.98
C LYS A 114 -5.27 -34.84 -22.08
N VAL A 115 -5.08 -33.95 -23.06
CA VAL A 115 -6.06 -32.89 -23.36
C VAL A 115 -7.39 -33.51 -23.80
N GLU A 116 -7.33 -34.42 -24.76
CA GLU A 116 -8.51 -35.13 -25.27
C GLU A 116 -9.31 -35.83 -24.16
N ASN A 117 -8.63 -36.47 -23.21
CA ASN A 117 -9.31 -37.26 -22.16
C ASN A 117 -10.08 -36.36 -21.20
N ILE A 118 -9.53 -35.17 -20.94
CA ILE A 118 -10.22 -34.17 -20.12
C ILE A 118 -11.33 -33.50 -20.94
N CYS A 119 -11.13 -33.39 -22.25
CA CYS A 119 -12.17 -32.90 -23.18
C CYS A 119 -13.34 -33.89 -23.46
N LYS A 120 -13.44 -34.99 -22.71
CA LYS A 120 -14.61 -35.87 -22.75
C LYS A 120 -15.39 -35.81 -21.43
N LYS A 121 -15.62 -34.59 -20.91
CA LYS A 121 -16.48 -34.38 -19.73
C LYS A 121 -17.02 -32.92 -19.67
N LEU A 122 -17.96 -32.50 -20.52
CA LEU A 122 -18.58 -33.27 -21.60
C LEU A 122 -18.57 -32.36 -22.86
N SER A 123 -17.40 -32.25 -23.50
CA SER A 123 -17.12 -31.14 -24.41
C SER A 123 -17.67 -31.35 -25.83
N ASN A 124 -18.06 -30.24 -26.45
CA ASN A 124 -18.82 -30.27 -27.70
C ASN A 124 -17.88 -30.49 -28.90
N PRO A 125 -16.96 -29.54 -29.20
CA PRO A 125 -15.78 -30.08 -29.90
C PRO A 125 -15.05 -31.01 -28.94
N PHE A 126 -15.24 -32.31 -29.10
CA PHE A 126 -14.73 -33.31 -28.15
C PHE A 126 -13.20 -33.47 -28.23
N ARG A 127 -12.62 -33.01 -29.34
CA ARG A 127 -11.27 -33.42 -29.70
C ARG A 127 -10.22 -32.73 -28.82
N TYR A 128 -9.97 -31.44 -29.02
CA TYR A 128 -8.85 -30.76 -28.34
C TYR A 128 -9.19 -29.38 -27.74
N ARG A 129 -9.98 -28.61 -28.46
CA ARG A 129 -10.64 -27.42 -27.93
C ARG A 129 -11.57 -27.81 -26.77
N MET A 130 -11.66 -26.98 -25.72
CA MET A 130 -12.76 -27.12 -24.75
C MET A 130 -13.18 -25.75 -24.34
N GLU A 131 -14.50 -25.57 -24.23
CA GLU A 131 -15.11 -24.27 -24.04
C GLU A 131 -15.58 -24.16 -22.62
N CYS A 132 -14.89 -23.33 -21.83
CA CYS A 132 -15.26 -23.05 -20.42
C CYS A 132 -14.85 -21.62 -20.03
N PRO A 133 -15.46 -21.07 -18.97
CA PRO A 133 -15.04 -19.71 -18.59
C PRO A 133 -13.53 -19.56 -18.36
N GLU A 134 -12.94 -20.55 -17.68
CA GLU A 134 -11.54 -20.47 -17.27
C GLU A 134 -10.56 -20.27 -18.44
N ILE A 135 -10.75 -20.99 -19.55
CA ILE A 135 -9.83 -20.90 -20.70
C ILE A 135 -10.12 -19.59 -21.43
N ASP A 136 -11.36 -19.08 -21.34
CA ASP A 136 -11.68 -17.75 -21.87
C ASP A 136 -10.88 -16.63 -21.18
N CYS A 137 -11.03 -16.53 -19.85
CA CYS A 137 -10.20 -15.68 -18.97
C CYS A 137 -8.72 -15.85 -19.26
N GLU A 138 -8.28 -17.09 -19.37
CA GLU A 138 -6.86 -17.35 -19.68
C GLU A 138 -6.41 -16.74 -21.01
N GLU A 139 -7.30 -16.68 -22.00
CA GLU A 139 -6.96 -16.03 -23.25
C GLU A 139 -6.99 -14.52 -23.07
N GLY A 140 -7.96 -14.05 -22.30
CA GLY A 140 -8.04 -12.65 -21.92
C GLY A 140 -6.75 -12.08 -21.34
N TRP A 141 -6.31 -12.66 -20.21
CA TRP A 141 -5.08 -12.22 -19.56
C TRP A 141 -3.84 -12.30 -20.50
N ALA A 142 -3.66 -13.37 -21.27
CA ALA A 142 -2.51 -13.39 -22.19
C ALA A 142 -2.57 -12.22 -23.18
N LEU A 143 -3.75 -11.97 -23.74
CA LEU A 143 -3.90 -10.89 -24.69
C LEU A 143 -3.68 -9.58 -23.98
N LEU A 144 -4.19 -9.47 -22.77
CA LEU A 144 -4.09 -8.23 -22.02
C LEU A 144 -2.65 -7.87 -21.61
N LYS A 145 -1.76 -8.86 -21.50
CA LYS A 145 -0.32 -8.66 -21.21
C LYS A 145 0.56 -8.42 -22.47
N CYS A 146 0.03 -8.70 -23.66
CA CYS A 146 0.83 -8.65 -24.88
C CYS A 146 0.72 -7.31 -25.67
N GLY A 147 0.26 -6.28 -25.02
CA GLY A 147 0.24 -4.95 -25.62
C GLY A 147 -1.14 -4.54 -26.14
N GLY A 148 -1.26 -3.22 -26.25
CA GLY A 148 -2.48 -2.55 -26.61
C GLY A 148 -3.26 -3.00 -27.81
N LYS A 149 -2.59 -3.43 -28.87
CA LYS A 149 -3.30 -3.95 -30.01
C LYS A 149 -4.19 -5.19 -29.73
N ASN A 150 -3.90 -5.96 -28.69
CA ASN A 150 -4.69 -7.15 -28.34
C ASN A 150 -5.85 -6.84 -27.38
N TYR A 151 -6.12 -5.59 -27.13
CA TYR A 151 -7.01 -5.23 -26.01
C TYR A 151 -8.49 -5.39 -26.31
N GLU A 152 -8.91 -5.02 -27.51
CA GLU A 152 -10.31 -5.24 -27.90
C GLU A 152 -10.62 -6.74 -27.80
N ARG A 153 -9.73 -7.59 -28.30
CA ARG A 153 -9.89 -9.03 -28.16
C ARG A 153 -9.94 -9.51 -26.72
N ALA A 154 -9.03 -9.01 -25.88
CA ALA A 154 -9.00 -9.45 -24.48
C ALA A 154 -10.32 -9.07 -23.80
N LYS A 155 -10.82 -7.86 -24.08
CA LYS A 155 -12.11 -7.41 -23.53
C LYS A 155 -13.26 -8.32 -23.91
N ALA A 156 -13.25 -8.76 -25.16
CA ALA A 156 -14.29 -9.62 -25.68
C ALA A 156 -14.22 -10.94 -24.94
N CYS A 157 -13.04 -11.54 -24.77
CA CYS A 157 -12.89 -12.78 -23.95
C CYS A 157 -13.56 -12.67 -22.59
N PHE A 158 -13.24 -11.65 -21.81
CA PHE A 158 -13.79 -11.56 -20.47
C PHE A 158 -15.30 -11.34 -20.52
N GLU A 159 -15.71 -10.55 -21.52
CA GLU A 159 -17.09 -10.15 -21.72
C GLU A 159 -17.97 -11.35 -22.08
N LYS A 160 -17.42 -12.24 -22.92
CA LYS A 160 -18.03 -13.53 -23.23
C LYS A 160 -18.47 -14.24 -21.96
N VAL A 161 -17.54 -14.33 -21.01
CA VAL A 161 -17.78 -15.00 -19.74
C VAL A 161 -18.78 -14.25 -18.87
N LEU A 162 -18.79 -12.92 -18.90
CA LEU A 162 -19.75 -12.14 -18.10
C LEU A 162 -21.18 -12.08 -18.68
N GLU A 163 -21.29 -12.37 -20.00
CA GLU A 163 -22.58 -12.59 -20.69
C GLU A 163 -23.31 -13.78 -20.02
N VAL A 164 -22.60 -14.90 -19.87
CA VAL A 164 -23.09 -16.07 -19.11
C VAL A 164 -23.19 -15.76 -17.60
N ASP A 165 -22.05 -15.58 -16.92
CA ASP A 165 -21.99 -15.39 -15.45
C ASP A 165 -21.59 -13.95 -15.13
N PRO A 166 -22.57 -13.04 -14.99
CA PRO A 166 -22.26 -11.65 -14.71
C PRO A 166 -21.61 -11.29 -13.36
N GLU A 167 -21.49 -12.25 -12.44
CA GLU A 167 -20.88 -11.99 -11.13
C GLU A 167 -19.60 -12.80 -10.94
N ASN A 168 -19.06 -13.31 -12.03
CA ASN A 168 -17.78 -13.97 -12.00
C ASN A 168 -16.73 -12.95 -11.53
N PRO A 169 -16.07 -13.19 -10.37
CA PRO A 169 -15.06 -12.23 -9.93
C PRO A 169 -13.85 -12.07 -10.86
N GLU A 170 -13.24 -13.17 -11.28
CA GLU A 170 -12.10 -13.07 -12.18
C GLU A 170 -12.37 -12.24 -13.44
N SER A 171 -13.36 -12.63 -14.23
CA SER A 171 -13.61 -12.02 -15.55
C SER A 171 -14.15 -10.60 -15.45
N SER A 172 -14.84 -10.30 -14.37
CA SER A 172 -15.19 -8.94 -14.05
C SER A 172 -13.90 -8.02 -13.87
N ALA A 173 -12.84 -8.59 -13.29
CA ALA A 173 -11.57 -7.89 -13.15
C ALA A 173 -10.96 -7.65 -14.52
N GLY A 174 -10.79 -8.75 -15.26
CA GLY A 174 -10.24 -8.72 -16.59
C GLY A 174 -10.98 -7.74 -17.51
N TYR A 175 -12.30 -7.69 -17.34
CA TYR A 175 -13.13 -6.89 -18.21
C TYR A 175 -12.88 -5.44 -17.86
N ALA A 176 -12.93 -5.15 -16.56
CA ALA A 176 -12.72 -3.77 -16.04
C ALA A 176 -11.34 -3.17 -16.33
N ILE A 177 -10.29 -4.01 -16.39
CA ILE A 177 -8.93 -3.54 -16.68
C ILE A 177 -8.71 -3.25 -18.14
N SER A 178 -9.17 -4.19 -18.99
CA SER A 178 -9.24 -3.97 -20.44
C SER A 178 -10.03 -2.68 -20.82
N ALA A 179 -11.18 -2.50 -20.20
CA ALA A 179 -12.00 -1.33 -20.44
C ALA A 179 -11.28 -0.06 -20.00
N TYR A 180 -10.59 -0.11 -18.85
CA TYR A 180 -9.91 1.10 -18.34
C TYR A 180 -8.80 1.48 -19.29
N ARG A 181 -8.12 0.48 -19.84
CA ARG A 181 -7.05 0.74 -20.73
C ARG A 181 -7.55 1.24 -22.07
N LEU A 182 -8.64 0.68 -22.58
CA LEU A 182 -9.27 1.24 -23.81
C LEU A 182 -9.82 2.66 -23.59
N ASP A 183 -10.47 2.91 -22.46
CA ASP A 183 -10.80 4.29 -22.06
C ASP A 183 -9.58 5.18 -22.16
N GLY A 184 -8.44 4.66 -21.73
CA GLY A 184 -7.15 5.37 -21.78
C GLY A 184 -6.80 5.92 -23.13
N PHE A 185 -7.13 5.16 -24.15
CA PHE A 185 -6.78 5.52 -25.50
C PHE A 185 -7.63 6.67 -26.03
N LYS A 186 -8.79 6.86 -25.42
CA LYS A 186 -9.73 7.92 -25.78
C LYS A 186 -9.71 9.15 -24.87
N LEU A 187 -8.84 9.22 -23.87
CA LEU A 187 -8.81 10.44 -23.05
C LEU A 187 -8.45 11.69 -23.85
N ALA A 188 -7.69 11.54 -24.92
CA ALA A 188 -7.30 12.63 -25.79
C ALA A 188 -8.43 13.05 -26.77
N THR A 189 -9.22 12.08 -27.24
CA THR A 189 -10.41 12.42 -28.01
C THR A 189 -11.35 13.31 -27.21
N LYS A 190 -12.09 14.16 -27.91
CA LYS A 190 -13.25 14.82 -27.32
C LYS A 190 -14.37 13.80 -27.10
N ASN A 191 -15.27 14.14 -26.18
CA ASN A 191 -16.50 13.35 -25.91
C ASN A 191 -16.21 11.90 -25.52
N HIS A 192 -15.09 11.72 -24.84
CA HIS A 192 -14.77 10.48 -24.15
C HIS A 192 -15.71 10.32 -22.93
N LYS A 193 -16.25 9.11 -22.78
CA LYS A 193 -17.12 8.75 -21.66
C LYS A 193 -16.41 7.71 -20.79
N PRO A 194 -16.65 7.78 -19.46
CA PRO A 194 -16.06 6.82 -18.54
C PRO A 194 -16.77 5.45 -18.59
N PHE A 195 -16.56 4.73 -19.70
CA PHE A 195 -17.12 3.39 -19.96
C PHE A 195 -16.65 2.33 -18.93
N SER A 196 -15.47 2.54 -18.32
CA SER A 196 -14.89 1.63 -17.35
C SER A 196 -15.25 1.96 -15.91
N LEU A 197 -15.88 3.09 -15.63
CA LEU A 197 -16.21 3.42 -14.23
C LEU A 197 -17.11 2.36 -13.58
N LEU A 198 -18.27 2.05 -14.19
CA LEU A 198 -19.17 1.04 -13.56
C LEU A 198 -18.55 -0.37 -13.49
N PRO A 199 -17.85 -0.80 -14.55
CA PRO A 199 -17.13 -2.11 -14.47
C PRO A 199 -16.09 -2.20 -13.35
N LEU A 200 -15.32 -1.12 -13.15
CA LEU A 200 -14.35 -1.10 -12.06
C LEU A 200 -15.02 -1.19 -10.69
N ARG A 201 -16.10 -0.42 -10.47
CA ARG A 201 -16.92 -0.58 -9.25
C ARG A 201 -17.43 -2.02 -9.05
N GLN A 202 -17.99 -2.56 -10.11
CA GLN A 202 -18.31 -3.96 -10.07
C GLN A 202 -17.09 -4.79 -9.65
N ALA A 203 -15.96 -4.61 -10.34
CA ALA A 203 -14.75 -5.42 -10.11
C ALA A 203 -14.21 -5.34 -8.66
N VAL A 204 -14.22 -4.15 -8.05
CA VAL A 204 -13.79 -3.95 -6.65
C VAL A 204 -14.75 -4.66 -5.67
N ARG A 205 -16.05 -4.54 -5.93
CA ARG A 205 -17.06 -5.24 -5.15
C ARG A 205 -16.80 -6.70 -5.08
N LEU A 206 -16.54 -7.31 -6.22
CA LEU A 206 -16.34 -8.77 -6.28
C LEU A 206 -14.93 -9.30 -5.99
N ASN A 207 -13.96 -8.40 -5.98
CA ASN A 207 -12.57 -8.73 -5.66
C ASN A 207 -12.16 -7.68 -4.65
N PRO A 208 -12.70 -7.78 -3.44
CA PRO A 208 -12.54 -6.72 -2.44
C PRO A 208 -11.12 -6.63 -1.89
N ASP A 209 -10.31 -7.67 -2.07
CA ASP A 209 -8.92 -7.69 -1.59
C ASP A 209 -7.88 -7.19 -2.65
N ASN A 210 -8.31 -6.99 -3.89
CA ASN A 210 -7.42 -6.76 -5.02
C ASN A 210 -7.04 -5.29 -5.19
N GLY A 211 -5.88 -4.92 -4.66
CA GLY A 211 -5.41 -3.53 -4.73
C GLY A 211 -5.16 -3.00 -6.15
N TYR A 212 -4.72 -3.88 -7.06
CA TYR A 212 -4.50 -3.46 -8.43
C TYR A 212 -5.75 -2.78 -8.93
N ILE A 213 -6.88 -3.44 -8.79
CA ILE A 213 -8.15 -2.89 -9.26
C ILE A 213 -8.65 -1.64 -8.50
N LYS A 214 -8.32 -1.52 -7.23
CA LYS A 214 -8.67 -0.33 -6.47
C LYS A 214 -8.02 0.93 -6.97
N VAL A 215 -6.76 0.82 -7.39
CA VAL A 215 -5.98 1.98 -7.77
C VAL A 215 -6.41 2.47 -9.13
N LEU A 216 -6.77 1.56 -10.05
CA LEU A 216 -7.34 1.98 -11.35
C LEU A 216 -8.69 2.63 -11.18
N LEU A 217 -9.49 2.14 -10.24
CA LEU A 217 -10.76 2.77 -9.91
C LEU A 217 -10.50 4.19 -9.38
N ALA A 218 -9.54 4.32 -8.49
CA ALA A 218 -9.18 5.65 -7.99
C ALA A 218 -8.75 6.60 -9.13
N LEU A 219 -8.06 6.07 -10.14
CA LEU A 219 -7.60 6.88 -11.22
C LEU A 219 -8.79 7.29 -12.08
N LYS A 220 -9.76 6.38 -12.25
CA LYS A 220 -10.94 6.69 -13.05
C LYS A 220 -11.79 7.74 -12.35
N LEU A 221 -11.98 7.56 -11.05
CA LEU A 221 -12.67 8.54 -10.24
C LEU A 221 -12.02 9.94 -10.40
N GLN A 222 -10.71 10.01 -10.26
CA GLN A 222 -9.97 11.25 -10.45
C GLN A 222 -10.20 11.90 -11.82
N ASP A 223 -10.24 11.10 -12.90
CA ASP A 223 -10.50 11.62 -14.24
C ASP A 223 -11.87 12.24 -14.30
N GLU A 224 -12.86 11.60 -13.69
CA GLU A 224 -14.18 12.18 -13.61
C GLU A 224 -14.36 13.21 -12.50
N GLY A 225 -13.28 13.83 -11.98
CA GLY A 225 -13.41 14.91 -10.95
C GLY A 225 -13.65 14.54 -9.47
N GLN A 226 -13.79 13.24 -9.21
CA GLN A 226 -14.07 12.70 -7.89
C GLN A 226 -12.80 12.37 -7.02
N GLU A 227 -12.02 13.41 -6.72
CA GLU A 227 -10.69 13.22 -6.09
C GLU A 227 -10.78 12.58 -4.70
N ALA A 228 -11.78 12.95 -3.90
CA ALA A 228 -11.90 12.48 -2.49
C ALA A 228 -12.12 10.99 -2.39
N GLU A 229 -13.06 10.53 -3.18
CA GLU A 229 -13.37 9.14 -3.24
C GLU A 229 -12.19 8.34 -3.75
N GLY A 230 -11.57 8.80 -4.83
CA GLY A 230 -10.38 8.15 -5.38
C GLY A 230 -9.26 8.03 -4.36
N GLU A 231 -9.00 9.13 -3.65
CA GLU A 231 -7.94 9.15 -2.66
C GLU A 231 -8.13 8.14 -1.54
N LYS A 232 -9.41 7.87 -1.16
CA LYS A 232 -9.72 6.80 -0.17
C LYS A 232 -9.27 5.45 -0.71
N TYR A 233 -9.56 5.15 -1.98
CA TYR A 233 -9.09 3.92 -2.63
C TYR A 233 -7.54 3.84 -2.69
N ILE A 234 -6.84 4.96 -2.94
CA ILE A 234 -5.36 4.98 -2.93
C ILE A 234 -4.88 4.64 -1.54
N GLU A 235 -5.37 5.38 -0.55
CA GLU A 235 -5.01 5.08 0.83
C GLU A 235 -5.35 3.64 1.28
N GLU A 236 -6.50 3.13 0.88
CA GLU A 236 -6.80 1.74 1.19
C GLU A 236 -5.73 0.83 0.58
N ALA A 237 -5.57 0.92 -0.74
CA ALA A 237 -4.68 0.06 -1.52
C ALA A 237 -3.25 0.02 -0.99
N LEU A 238 -2.76 1.21 -0.61
CA LEU A 238 -1.43 1.38 -0.01
C LEU A 238 -1.24 0.75 1.37
N ALA A 239 -2.34 0.54 2.09
CA ALA A 239 -2.30 -0.11 3.39
C ALA A 239 -2.37 -1.65 3.33
N ASN A 240 -2.64 -2.25 2.16
CA ASN A 240 -2.65 -3.73 1.97
C ASN A 240 -1.46 -4.26 1.17
N MET A 241 -0.99 -5.48 1.48
CA MET A 241 0.09 -6.11 0.74
CA MET A 241 0.09 -6.09 0.73
C MET A 241 -0.25 -6.24 -0.74
N SER A 242 -1.51 -6.61 -1.04
CA SER A 242 -1.89 -6.96 -2.42
C SER A 242 -1.23 -6.03 -3.47
N SER A 243 -0.35 -6.62 -4.26
CA SER A 243 0.29 -5.95 -5.40
C SER A 243 0.95 -4.63 -5.05
N GLN A 244 1.59 -4.56 -3.88
CA GLN A 244 2.25 -3.33 -3.38
CA GLN A 244 2.13 -3.31 -3.40
C GLN A 244 2.90 -2.55 -4.55
N THR A 245 3.80 -3.22 -5.27
CA THR A 245 4.61 -2.55 -6.29
C THR A 245 3.77 -1.86 -7.39
N TYR A 246 2.71 -2.54 -7.84
CA TYR A 246 1.75 -1.97 -8.82
C TYR A 246 0.90 -0.81 -8.22
N VAL A 247 0.46 -0.97 -6.98
CA VAL A 247 -0.28 0.08 -6.27
C VAL A 247 0.57 1.33 -6.20
N PHE A 248 1.85 1.16 -5.92
CA PHE A 248 2.84 2.25 -6.01
C PHE A 248 2.84 3.02 -7.29
N ARG A 249 2.65 2.39 -8.43
CA ARG A 249 2.74 3.11 -9.74
C ARG A 249 1.53 4.00 -9.96
N TYR A 250 0.34 3.48 -9.63
CA TYR A 250 -0.92 4.17 -9.93
C TYR A 250 -1.21 5.16 -8.81
N ALA A 251 -0.79 4.85 -7.62
CA ALA A 251 -0.88 5.84 -6.54
C ALA A 251 -0.01 7.04 -6.90
N ALA A 252 1.18 6.80 -7.42
CA ALA A 252 2.10 7.86 -7.87
C ALA A 252 1.46 8.67 -8.96
N LYS A 253 0.85 8.01 -9.93
CA LYS A 253 0.16 8.77 -10.98
C LYS A 253 -0.97 9.65 -10.39
N PHE A 254 -1.76 9.08 -9.46
CA PHE A 254 -2.81 9.83 -8.77
C PHE A 254 -2.25 11.08 -8.09
N TYR A 255 -1.17 10.93 -7.32
CA TYR A 255 -0.66 12.10 -6.58
C TYR A 255 -0.02 13.10 -7.53
N ARG A 256 0.63 12.68 -8.61
CA ARG A 256 1.13 13.64 -9.55
C ARG A 256 0.02 14.52 -10.17
N ARG A 257 -1.02 13.88 -10.70
CA ARG A 257 -2.14 14.60 -11.24
C ARG A 257 -2.90 15.45 -10.25
N LYS A 258 -2.76 15.18 -8.97
CA LYS A 258 -3.29 16.00 -7.90
C LYS A 258 -2.35 17.20 -7.62
N GLY A 259 -1.09 17.08 -8.01
CA GLY A 259 -0.09 18.13 -7.84
C GLY A 259 0.84 17.89 -6.67
N SER A 260 0.81 16.69 -6.08
CA SER A 260 1.82 16.25 -5.12
C SER A 260 2.90 15.51 -5.88
N VAL A 261 3.71 16.24 -6.61
CA VAL A 261 4.77 15.63 -7.40
C VAL A 261 5.85 14.96 -6.54
N ASP A 262 6.28 15.57 -5.44
CA ASP A 262 7.32 14.97 -4.61
C ASP A 262 6.86 13.66 -3.99
N LYS A 263 5.63 13.62 -3.52
CA LYS A 263 5.03 12.39 -3.00
C LYS A 263 5.01 11.27 -4.06
N ALA A 264 4.70 11.64 -5.30
CA ALA A 264 4.77 10.73 -6.42
C ALA A 264 6.14 10.17 -6.63
N LEU A 265 7.15 11.03 -6.63
CA LEU A 265 8.51 10.59 -6.86
C LEU A 265 8.91 9.57 -5.85
N GLU A 266 8.54 9.79 -4.58
CA GLU A 266 8.89 8.91 -3.47
C GLU A 266 8.38 7.52 -3.74
N LEU A 267 7.14 7.43 -4.18
CA LEU A 267 6.51 6.15 -4.44
C LEU A 267 7.15 5.48 -5.62
N LEU A 268 7.43 6.26 -6.67
CA LEU A 268 7.99 5.73 -7.89
C LEU A 268 9.40 5.20 -7.67
N LYS A 269 10.20 5.98 -6.98
CA LYS A 269 11.56 5.57 -6.62
C LYS A 269 11.60 4.33 -5.75
N LYS A 270 10.76 4.27 -4.68
CA LYS A 270 10.57 3.00 -3.93
C LYS A 270 10.17 1.83 -4.86
N ALA A 271 9.24 2.06 -5.78
CA ALA A 271 8.84 0.97 -6.69
C ALA A 271 9.94 0.55 -7.67
N LEU A 272 10.84 1.47 -8.02
CA LEU A 272 11.96 1.18 -8.89
C LEU A 272 12.97 0.19 -8.29
N GLN A 273 12.94 -0.02 -6.97
CA GLN A 273 13.81 -1.03 -6.34
C GLN A 273 13.34 -2.44 -6.63
N GLU A 274 12.05 -2.60 -6.60
CA GLU A 274 11.41 -3.87 -6.90
C GLU A 274 11.49 -4.20 -8.39
N THR A 275 11.32 -3.18 -9.22
CA THR A 275 11.09 -3.42 -10.65
CA THR A 275 11.03 -3.40 -10.63
C THR A 275 11.87 -2.44 -11.52
N PRO A 276 13.21 -2.48 -11.42
CA PRO A 276 14.11 -1.48 -12.12
C PRO A 276 13.94 -1.25 -13.62
N THR A 277 13.25 -2.20 -14.22
CA THR A 277 13.14 -2.44 -15.64
C THR A 277 11.82 -1.86 -16.24
N SER A 278 10.91 -1.37 -15.40
CA SER A 278 9.57 -1.02 -15.81
C SER A 278 9.55 0.26 -16.62
N VAL A 279 9.15 0.15 -17.87
CA VAL A 279 9.10 1.35 -18.70
C VAL A 279 8.00 2.26 -18.19
N LEU A 280 6.94 1.68 -17.58
CA LEU A 280 5.92 2.49 -16.91
C LEU A 280 6.54 3.39 -15.87
N LEU A 281 7.39 2.81 -15.02
CA LEU A 281 8.05 3.59 -14.00
C LEU A 281 8.88 4.68 -14.62
N HIS A 282 9.75 4.33 -15.57
CA HIS A 282 10.68 5.31 -16.08
C HIS A 282 9.98 6.48 -16.71
N HIS A 283 9.03 6.14 -17.57
CA HIS A 283 8.15 7.17 -18.14
C HIS A 283 7.50 8.04 -17.08
N GLN A 284 6.89 7.44 -16.06
CA GLN A 284 6.16 8.23 -15.07
C GLN A 284 7.07 9.10 -14.20
N ILE A 285 8.27 8.60 -13.92
CA ILE A 285 9.28 9.34 -13.24
C ILE A 285 9.76 10.47 -14.15
N GLY A 286 9.90 10.21 -15.44
CA GLY A 286 10.11 11.33 -16.36
C GLY A 286 9.07 12.43 -16.20
N LEU A 287 7.80 12.05 -16.18
CA LEU A 287 6.70 13.03 -16.03
C LEU A 287 6.74 13.83 -14.73
N CYS A 288 7.27 13.24 -13.65
CA CYS A 288 7.46 13.95 -12.39
C CYS A 288 8.47 15.07 -12.54
N TYR A 289 9.61 14.75 -13.16
CA TYR A 289 10.67 15.73 -13.43
C TYR A 289 10.20 16.78 -14.40
N LYS A 290 9.51 16.37 -15.43
CA LYS A 290 8.90 17.33 -16.34
C LYS A 290 7.99 18.32 -15.55
N ALA A 291 7.15 17.82 -14.63
CA ALA A 291 6.22 18.70 -13.89
C ALA A 291 6.97 19.66 -12.95
N GLN A 292 8.10 19.20 -12.41
CA GLN A 292 8.93 20.04 -11.56
C GLN A 292 9.68 21.10 -12.39
N MET A 293 10.14 20.72 -13.58
CA MET A 293 10.68 21.68 -14.56
C MET A 293 9.64 22.78 -14.87
N ILE A 294 8.42 22.39 -15.17
CA ILE A 294 7.35 23.36 -15.37
C ILE A 294 7.06 24.23 -14.14
N GLN A 295 7.20 23.72 -12.91
CA GLN A 295 6.93 24.54 -11.72
C GLN A 295 7.96 25.68 -11.70
N ILE A 296 9.24 25.32 -11.79
CA ILE A 296 10.36 26.28 -11.75
C ILE A 296 10.30 27.29 -12.86
N LYS A 297 10.07 26.80 -14.07
CA LYS A 297 9.88 27.71 -15.21
C LYS A 297 8.74 28.72 -14.93
N GLU A 298 7.64 28.30 -14.29
CA GLU A 298 6.55 29.23 -13.96
C GLU A 298 6.97 30.20 -12.86
N ALA A 299 7.58 29.70 -11.79
CA ALA A 299 7.95 30.56 -10.64
C ALA A 299 9.07 31.55 -10.93
N THR A 300 9.82 31.34 -12.01
CA THR A 300 10.93 32.21 -12.38
C THR A 300 10.66 32.88 -13.72
N LYS A 301 9.39 32.88 -14.14
CA LYS A 301 8.95 33.61 -15.33
C LYS A 301 9.83 33.37 -16.57
N GLY A 302 10.23 32.11 -16.73
CA GLY A 302 11.11 31.70 -17.81
C GLY A 302 12.58 32.05 -17.69
N GLN A 303 12.95 32.86 -16.67
CA GLN A 303 14.33 33.34 -16.48
C GLN A 303 14.96 32.86 -15.16
N PRO A 304 15.21 31.54 -15.06
CA PRO A 304 15.81 31.04 -13.85
C PRO A 304 17.29 31.31 -13.86
N ARG A 305 17.81 31.70 -12.68
CA ARG A 305 19.22 32.00 -12.48
C ARG A 305 19.75 31.29 -11.26
N GLY A 306 21.08 31.26 -11.11
CA GLY A 306 21.69 30.73 -9.90
C GLY A 306 21.20 29.32 -9.62
N GLN A 307 20.82 29.05 -8.37
CA GLN A 307 20.34 27.72 -7.90
C GLN A 307 19.10 27.23 -8.68
N ASN A 308 18.16 28.12 -8.97
CA ASN A 308 17.00 27.72 -9.75
C ASN A 308 17.39 27.12 -11.09
N ARG A 309 18.28 27.76 -11.81
CA ARG A 309 18.76 27.23 -13.09
C ARG A 309 19.43 25.88 -12.94
N GLU A 310 20.34 25.78 -11.98
CA GLU A 310 20.91 24.51 -11.51
C GLU A 310 19.86 23.39 -11.35
N LYS A 311 18.77 23.67 -10.60
CA LYS A 311 17.72 22.69 -10.36
C LYS A 311 16.92 22.37 -11.61
N LEU A 312 16.56 23.39 -12.38
CA LEU A 312 15.94 23.19 -13.68
C LEU A 312 16.81 22.31 -14.58
N ASP A 313 18.09 22.62 -14.72
CA ASP A 313 19.01 21.76 -15.52
C ASP A 313 19.01 20.29 -15.03
N LYS A 314 19.13 20.07 -13.73
CA LYS A 314 19.13 18.71 -13.17
C LYS A 314 17.81 17.94 -13.53
N MET A 315 16.69 18.65 -13.54
CA MET A 315 15.46 18.01 -13.80
C MET A 315 15.21 17.72 -15.24
N ILE A 316 15.74 18.58 -16.11
CA ILE A 316 15.76 18.29 -17.54
C ILE A 316 16.63 17.07 -17.85
N ARG A 317 17.84 17.01 -17.26
CA ARG A 317 18.69 15.81 -17.40
C ARG A 317 18.00 14.54 -16.85
N SER A 318 17.32 14.70 -15.71
CA SER A 318 16.67 13.56 -15.08
C SER A 318 15.51 13.02 -15.93
N ALA A 319 14.68 13.90 -16.47
CA ALA A 319 13.60 13.47 -17.35
C ALA A 319 14.12 12.75 -18.58
N ILE A 320 15.13 13.34 -19.23
CA ILE A 320 15.79 12.77 -20.40
C ILE A 320 16.35 11.41 -20.02
N PHE A 321 17.04 11.32 -18.90
CA PHE A 321 17.53 9.98 -18.46
C PHE A 321 16.46 8.88 -18.43
N HIS A 322 15.30 9.20 -17.86
CA HIS A 322 14.24 8.24 -17.67
C HIS A 322 13.41 7.98 -18.91
N PHE A 323 13.20 9.04 -19.75
CA PHE A 323 12.50 8.83 -21.02
C PHE A 323 13.43 8.01 -21.92
N GLU A 324 14.70 8.38 -22.04
CA GLU A 324 15.71 7.45 -22.65
C GLU A 324 15.68 6.03 -22.07
N SER A 325 15.58 5.91 -20.75
CA SER A 325 15.57 4.57 -20.18
C SER A 325 14.27 3.82 -20.67
N ALA A 326 13.13 4.48 -20.60
CA ALA A 326 11.90 3.94 -21.19
C ALA A 326 12.02 3.46 -22.67
N VAL A 327 12.48 4.28 -23.62
CA VAL A 327 12.49 3.83 -25.05
C VAL A 327 13.59 2.83 -25.39
N GLU A 328 14.71 2.85 -24.68
CA GLU A 328 15.68 1.77 -24.85
C GLU A 328 14.99 0.45 -24.53
N LYS A 329 14.23 0.40 -23.45
CA LYS A 329 13.63 -0.84 -23.05
C LYS A 329 12.44 -1.21 -23.91
N LYS A 330 11.67 -0.22 -24.39
CA LYS A 330 10.52 -0.42 -25.28
C LYS A 330 10.55 0.54 -26.46
N PRO A 331 11.26 0.20 -27.54
CA PRO A 331 11.35 1.06 -28.73
C PRO A 331 10.03 1.51 -29.38
N THR A 332 8.96 0.75 -29.22
CA THR A 332 7.60 1.11 -29.72
C THR A 332 6.73 1.95 -28.74
N PHE A 333 7.36 2.46 -27.69
CA PHE A 333 6.66 3.22 -26.68
C PHE A 333 6.52 4.63 -27.22
N GLU A 334 5.51 4.86 -28.04
CA GLU A 334 5.39 6.15 -28.72
C GLU A 334 5.40 7.41 -27.80
N VAL A 335 4.55 7.42 -26.79
CA VAL A 335 4.37 8.61 -25.99
C VAL A 335 5.65 8.99 -25.29
N ALA A 336 6.41 7.98 -24.85
CA ALA A 336 7.73 8.17 -24.23
C ALA A 336 8.76 8.74 -25.24
N HIS A 337 8.74 8.29 -26.47
CA HIS A 337 9.55 8.98 -27.50
C HIS A 337 9.22 10.47 -27.73
N LEU A 338 7.95 10.82 -27.60
CA LEU A 338 7.48 12.17 -27.90
C LEU A 338 7.86 13.11 -26.77
N ASP A 339 7.73 12.61 -25.56
CA ASP A 339 8.14 13.31 -24.38
C ASP A 339 9.65 13.53 -24.37
N LEU A 340 10.41 12.50 -24.76
CA LEU A 340 11.85 12.64 -24.94
C LEU A 340 12.16 13.68 -26.04
N ALA A 341 11.50 13.60 -27.19
CA ALA A 341 11.73 14.61 -28.25
C ALA A 341 11.64 16.01 -27.67
N ARG A 342 10.54 16.22 -26.94
CA ARG A 342 10.20 17.52 -26.38
C ARG A 342 11.11 17.94 -25.23
N MET A 343 11.56 16.99 -24.41
CA MET A 343 12.60 17.33 -23.43
C MET A 343 13.91 17.75 -24.08
N TYR A 344 14.28 17.07 -25.17
CA TYR A 344 15.44 17.45 -25.95
C TYR A 344 15.36 18.90 -26.48
N ILE A 345 14.17 19.27 -27.01
CA ILE A 345 13.86 20.66 -27.46
C ILE A 345 14.10 21.58 -26.29
N GLU A 346 13.53 21.23 -25.15
CA GLU A 346 13.65 22.05 -23.97
C GLU A 346 15.12 22.26 -23.59
N ALA A 347 15.93 21.19 -23.68
CA ALA A 347 17.36 21.24 -23.37
C ALA A 347 18.23 21.87 -24.49
N GLY A 348 17.66 22.20 -25.64
CA GLY A 348 18.44 22.80 -26.73
C GLY A 348 19.06 21.83 -27.71
N ASN A 349 18.87 20.53 -27.51
CA ASN A 349 19.36 19.51 -28.41
C ASN A 349 18.41 19.17 -29.57
N HIS A 350 18.50 19.91 -30.69
CA HIS A 350 17.59 19.73 -31.81
C HIS A 350 17.85 18.47 -32.66
N ARG A 351 19.10 18.02 -32.75
CA ARG A 351 19.35 16.79 -33.52
C ARG A 351 18.74 15.64 -32.75
N LYS A 352 18.97 15.60 -31.44
CA LYS A 352 18.37 14.52 -30.64
C LYS A 352 16.85 14.57 -30.71
N ALA A 353 16.27 15.78 -30.68
CA ALA A 353 14.83 15.94 -30.88
C ALA A 353 14.39 15.29 -32.16
N GLU A 354 15.07 15.70 -33.24
CA GLU A 354 14.78 15.34 -34.62
C GLU A 354 14.86 13.85 -34.81
N GLU A 355 15.91 13.27 -34.25
CA GLU A 355 16.16 11.84 -34.36
C GLU A 355 14.99 11.06 -33.77
N ASN A 356 14.55 11.45 -32.58
CA ASN A 356 13.33 10.88 -31.98
C ASN A 356 12.05 11.18 -32.76
N PHE A 357 11.94 12.37 -33.33
CA PHE A 357 10.82 12.65 -34.28
C PHE A 357 10.79 11.73 -35.52
N GLN A 358 11.94 11.36 -36.09
CA GLN A 358 11.98 10.49 -37.29
C GLN A 358 11.59 9.05 -37.00
N LYS A 359 11.92 8.55 -35.81
CA LYS A 359 11.48 7.23 -35.38
C LYS A 359 9.99 7.22 -35.12
N LEU A 360 9.49 8.34 -34.59
CA LEU A 360 8.05 8.52 -34.34
C LEU A 360 7.20 8.49 -35.63
N LEU A 361 7.78 9.04 -36.70
CA LEU A 361 7.10 9.10 -38.00
C LEU A 361 6.90 7.77 -38.72
N CYS A 362 7.52 6.69 -38.25
CA CYS A 362 7.47 5.36 -38.89
C CYS A 362 6.66 4.36 -38.06
N MET A 363 5.92 4.84 -37.06
CA MET A 363 5.29 3.93 -36.12
C MET A 363 3.86 3.82 -36.53
N LYS A 364 3.25 2.71 -36.16
CA LYS A 364 1.83 2.51 -36.41
CA LYS A 364 1.81 2.53 -36.41
C LYS A 364 1.12 2.46 -35.04
N PRO A 365 0.79 3.64 -34.44
CA PRO A 365 0.22 3.58 -33.10
C PRO A 365 -1.10 2.92 -33.08
N VAL A 366 -1.36 2.18 -32.03
CA VAL A 366 -2.68 1.64 -31.78
C VAL A 366 -3.68 2.78 -31.59
N VAL A 367 -3.20 3.84 -30.93
CA VAL A 367 -3.97 5.01 -30.57
C VAL A 367 -3.82 6.02 -31.72
N GLU A 368 -4.78 6.05 -32.67
CA GLU A 368 -4.63 6.94 -33.88
C GLU A 368 -4.32 8.43 -33.51
N GLU A 369 -4.93 8.92 -32.46
CA GLU A 369 -4.66 10.25 -31.95
C GLU A 369 -3.18 10.50 -31.66
N THR A 370 -2.44 9.45 -31.31
CA THR A 370 -1.02 9.61 -31.06
C THR A 370 -0.27 10.05 -32.31
N MET A 371 -0.69 9.65 -33.50
CA MET A 371 -0.09 10.17 -34.72
C MET A 371 -0.38 11.65 -34.91
N GLN A 372 -1.58 12.12 -34.56
CA GLN A 372 -1.89 13.59 -34.57
C GLN A 372 -0.92 14.40 -33.72
N ASP A 373 -0.73 13.96 -32.47
CA ASP A 373 0.28 14.50 -31.55
C ASP A 373 1.69 14.46 -32.14
N ILE A 374 2.02 13.37 -32.84
CA ILE A 374 3.34 13.27 -33.45
C ILE A 374 3.49 14.37 -34.51
N HIS A 375 2.50 14.49 -35.37
CA HIS A 375 2.61 15.51 -36.43
C HIS A 375 2.52 16.92 -35.85
N PHE A 376 1.62 17.13 -34.89
CA PHE A 376 1.44 18.44 -34.32
C PHE A 376 2.76 18.91 -33.79
N HIS A 377 3.39 18.05 -33.01
CA HIS A 377 4.62 18.49 -32.31
C HIS A 377 5.80 18.52 -33.25
N TYR A 378 5.82 17.73 -34.31
CA TYR A 378 6.88 17.86 -35.29
C TYR A 378 6.75 19.15 -36.05
N GLY A 379 5.50 19.51 -36.35
CA GLY A 379 5.22 20.73 -37.07
C GLY A 379 5.70 21.93 -36.28
N ARG A 380 5.41 21.93 -34.97
CA ARG A 380 5.92 23.00 -34.12
C ARG A 380 7.42 22.98 -34.05
N PHE A 381 8.03 21.80 -34.05
CA PHE A 381 9.49 21.71 -34.10
C PHE A 381 10.01 22.37 -35.42
N GLN A 382 9.41 22.00 -36.54
CA GLN A 382 9.70 22.64 -37.83
C GLN A 382 9.40 24.13 -37.90
N GLU A 383 8.34 24.63 -37.26
CA GLU A 383 8.13 26.09 -37.26
C GLU A 383 9.19 26.78 -36.40
N PHE A 384 9.22 26.50 -35.10
CA PHE A 384 10.02 27.28 -34.12
C PHE A 384 11.49 26.89 -33.92
N GLN A 385 11.84 25.63 -34.09
CA GLN A 385 13.24 25.26 -33.93
C GLN A 385 13.93 25.26 -35.28
N LYS A 386 13.40 24.52 -36.26
CA LYS A 386 14.02 24.41 -37.58
C LYS A 386 13.71 25.55 -38.62
N LYS A 387 12.77 26.46 -38.28
CA LYS A 387 12.42 27.64 -39.08
C LYS A 387 11.91 27.41 -40.52
N SER A 388 11.31 26.24 -40.71
CA SER A 388 10.85 25.73 -41.99
C SER A 388 9.30 25.65 -41.98
N ASP A 389 8.67 26.71 -42.49
CA ASP A 389 7.21 26.78 -42.59
C ASP A 389 6.60 25.72 -43.44
N VAL A 390 7.24 25.39 -44.54
CA VAL A 390 6.68 24.40 -45.40
C VAL A 390 6.50 23.10 -44.59
N ASN A 391 7.51 22.68 -43.84
CA ASN A 391 7.37 21.43 -43.08
C ASN A 391 6.39 21.53 -41.87
N ALA A 392 6.36 22.66 -41.16
CA ALA A 392 5.31 22.94 -40.20
C ALA A 392 3.92 22.69 -40.79
N ILE A 393 3.70 23.31 -41.96
CA ILE A 393 2.43 23.20 -42.63
C ILE A 393 2.21 21.78 -43.10
N ILE A 394 3.23 21.14 -43.63
CA ILE A 394 3.02 19.79 -44.09
C ILE A 394 2.44 18.96 -42.91
N HIS A 395 3.04 19.15 -41.73
CA HIS A 395 2.79 18.28 -40.62
C HIS A 395 1.52 18.69 -39.84
N TYR A 396 1.27 19.99 -39.70
CA TYR A 396 -0.01 20.45 -39.19
C TYR A 396 -1.14 19.96 -40.09
N LEU A 397 -0.97 19.95 -41.41
CA LEU A 397 -1.99 19.39 -42.31
C LEU A 397 -2.17 17.90 -42.10
N LYS A 398 -1.06 17.17 -41.92
CA LYS A 398 -1.09 15.73 -41.69
C LYS A 398 -1.81 15.36 -40.39
N ALA A 399 -1.56 16.12 -39.33
CA ALA A 399 -2.31 15.99 -38.08
C ALA A 399 -3.84 16.30 -38.26
N ILE A 400 -4.14 17.35 -39.02
CA ILE A 400 -5.51 17.74 -39.34
C ILE A 400 -6.23 16.69 -40.15
N LYS A 401 -5.49 16.03 -41.03
CA LYS A 401 -6.05 15.02 -41.92
C LYS A 401 -6.55 13.78 -41.19
N ILE A 402 -5.94 13.43 -40.06
CA ILE A 402 -6.44 12.33 -39.22
C ILE A 402 -7.78 12.71 -38.58
N GLU A 403 -8.84 12.01 -38.98
CA GLU A 403 -10.23 12.48 -38.82
C GLU A 403 -10.69 12.79 -37.38
N GLN A 404 -10.34 11.89 -36.47
CA GLN A 404 -10.58 11.98 -35.02
C GLN A 404 -10.62 13.41 -34.38
N ALA A 405 -11.75 13.79 -33.75
CA ALA A 405 -11.85 15.08 -33.06
C ALA A 405 -11.00 15.02 -31.83
N SER A 406 -10.10 15.96 -31.67
CA SER A 406 -9.28 15.98 -30.50
C SER A 406 -8.86 17.42 -30.20
N LEU A 407 -8.49 17.70 -28.95
CA LEU A 407 -7.81 18.96 -28.59
C LEU A 407 -6.53 19.24 -29.44
N THR A 408 -5.74 18.19 -29.66
CA THR A 408 -4.49 18.31 -30.41
C THR A 408 -4.71 18.62 -31.90
N ARG A 409 -5.71 18.02 -32.52
CA ARG A 409 -6.14 18.44 -33.86
C ARG A 409 -6.56 19.89 -33.92
N ASP A 410 -7.37 20.31 -32.96
CA ASP A 410 -7.77 21.72 -32.85
C ASP A 410 -6.57 22.62 -32.70
N LYS A 411 -5.55 22.15 -32.00
CA LYS A 411 -4.30 22.88 -31.81
C LYS A 411 -3.59 23.05 -33.11
N SER A 412 -3.62 22.01 -33.92
CA SER A 412 -3.02 22.02 -35.24
C SER A 412 -3.72 22.95 -36.20
N ILE A 413 -5.04 23.10 -36.06
CA ILE A 413 -5.78 24.03 -36.91
C ILE A 413 -5.38 25.46 -36.56
N ASN A 414 -5.32 25.72 -35.26
CA ASN A 414 -4.96 27.01 -34.79
C ASN A 414 -3.52 27.35 -35.13
N SER A 415 -2.64 26.34 -35.11
CA SER A 415 -1.24 26.59 -35.42
C SER A 415 -1.07 26.88 -36.91
N LEU A 416 -1.86 26.20 -37.74
CA LEU A 416 -1.88 26.47 -39.17
C LEU A 416 -2.39 27.91 -39.45
N LYS A 417 -3.49 28.29 -38.78
CA LYS A 417 -4.08 29.62 -38.89
C LYS A 417 -3.06 30.71 -38.58
N LYS A 418 -2.41 30.60 -37.45
CA LYS A 418 -1.39 31.57 -37.04
C LYS A 418 -0.27 31.71 -38.07
N LEU A 419 0.20 30.59 -38.60
CA LEU A 419 1.30 30.62 -39.55
C LEU A 419 0.86 31.20 -40.91
N VAL A 420 -0.35 30.86 -41.35
CA VAL A 420 -0.78 31.35 -42.63
C VAL A 420 -1.13 32.85 -42.53
N LEU A 421 -1.70 33.31 -41.42
CA LEU A 421 -1.91 34.74 -41.26
C LEU A 421 -0.59 35.50 -41.16
N ARG A 422 0.45 34.84 -40.69
CA ARG A 422 1.77 35.43 -40.69
C ARG A 422 2.28 35.61 -42.15
N LYS A 423 2.08 34.56 -42.95
CA LYS A 423 2.52 34.55 -44.34
C LYS A 423 1.73 35.50 -45.21
N LEU A 424 0.45 35.64 -44.95
CA LEU A 424 -0.39 36.58 -45.70
C LEU A 424 -0.09 38.03 -45.37
N ARG A 425 0.49 38.31 -44.20
CA ARG A 425 0.86 39.67 -43.80
C ARG A 425 2.28 40.03 -44.28
N ARG A 426 3.02 39.06 -44.82
CA ARG A 426 4.20 39.40 -45.61
C ARG A 426 3.87 39.55 -47.09
N LYS A 427 2.88 38.78 -47.54
CA LYS A 427 2.62 38.55 -48.94
C LYS A 427 1.19 38.11 -49.07
N ALA A 428 0.32 39.07 -49.38
CA ALA A 428 -1.12 38.86 -49.37
C ALA A 428 -1.61 38.16 -50.61
N LEU A 429 -0.81 38.17 -51.68
CA LEU A 429 -1.24 37.64 -52.98
C LEU A 429 -0.56 36.31 -53.19
N ASP A 430 -1.17 35.25 -52.67
CA ASP A 430 -0.57 33.91 -52.64
C ASP A 430 -1.71 32.95 -52.68
N LEU A 431 -1.68 32.04 -53.64
CA LEU A 431 -2.84 31.24 -53.93
C LEU A 431 -3.02 30.17 -52.83
N GLU A 432 -1.94 29.45 -52.54
CA GLU A 432 -1.82 28.50 -51.41
C GLU A 432 -2.24 29.06 -50.03
N SER A 433 -1.69 30.22 -49.67
CA SER A 433 -1.99 30.82 -48.39
C SER A 433 -3.46 31.15 -48.29
N LEU A 434 -4.04 31.71 -49.36
CA LEU A 434 -5.46 32.09 -49.39
C LEU A 434 -6.31 30.83 -49.33
N SER A 435 -5.93 29.81 -50.08
CA SER A 435 -6.67 28.56 -49.99
C SER A 435 -6.51 27.90 -48.59
N LEU A 436 -5.33 28.01 -48.00
CA LEU A 436 -5.09 27.43 -46.70
C LEU A 436 -5.94 28.07 -45.62
N LEU A 437 -6.05 29.39 -45.68
CA LEU A 437 -6.81 30.14 -44.68
C LEU A 437 -8.29 29.89 -44.86
N GLY A 438 -8.69 29.61 -46.09
CA GLY A 438 -10.04 29.24 -46.42
C GLY A 438 -10.38 27.90 -45.81
N PHE A 439 -9.40 27.00 -45.85
CA PHE A 439 -9.47 25.63 -45.31
C PHE A 439 -9.62 25.61 -43.82
N VAL A 440 -8.79 26.38 -43.15
CA VAL A 440 -8.82 26.52 -41.71
C VAL A 440 -10.19 26.99 -41.25
N TYR A 441 -10.65 28.08 -41.84
CA TYR A 441 -12.00 28.56 -41.57
C TYR A 441 -13.05 27.47 -41.83
N LYS A 442 -12.86 26.68 -42.89
CA LYS A 442 -13.79 25.58 -43.10
C LYS A 442 -13.77 24.60 -41.92
N LEU A 443 -12.56 24.27 -41.42
CA LEU A 443 -12.40 23.34 -40.28
C LEU A 443 -12.87 23.95 -38.95
N GLU A 444 -12.83 25.27 -38.82
CA GLU A 444 -13.49 25.95 -37.71
C GLU A 444 -15.05 25.99 -37.78
N GLY A 445 -15.66 25.52 -38.84
CA GLY A 445 -17.05 25.80 -39.06
C GLY A 445 -17.38 27.23 -39.45
N ASN A 446 -16.42 28.11 -39.76
CA ASN A 446 -16.69 29.49 -40.19
C ASN A 446 -16.82 29.56 -41.70
N MET A 447 -18.01 29.31 -42.22
CA MET A 447 -18.13 28.98 -43.61
C MET A 447 -18.20 30.20 -44.52
N ASN A 448 -18.72 31.30 -44.03
CA ASN A 448 -18.72 32.51 -44.85
C ASN A 448 -17.29 32.90 -45.21
N GLU A 449 -16.41 32.89 -44.22
CA GLU A 449 -15.02 33.23 -44.43
C GLU A 449 -14.33 32.18 -45.27
N ALA A 450 -14.68 30.92 -45.05
CA ALA A 450 -14.13 29.84 -45.85
C ALA A 450 -14.36 30.10 -47.33
N LEU A 451 -15.59 30.43 -47.68
CA LEU A 451 -15.95 30.66 -49.06
C LEU A 451 -15.37 31.94 -49.59
N GLU A 452 -15.37 32.99 -48.76
CA GLU A 452 -14.72 34.25 -49.07
C GLU A 452 -13.24 34.06 -49.43
N TYR A 453 -12.48 33.22 -48.69
CA TYR A 453 -11.05 33.05 -49.00
C TYR A 453 -10.82 32.16 -50.22
N TYR A 454 -11.63 31.13 -50.37
CA TYR A 454 -11.59 30.29 -51.57
C TYR A 454 -11.93 31.12 -52.84
N GLU A 455 -12.97 31.96 -52.76
CA GLU A 455 -13.34 32.83 -53.88
C GLU A 455 -12.19 33.79 -54.22
N ARG A 456 -11.60 34.41 -53.21
CA ARG A 456 -10.44 35.27 -53.42
C ARG A 456 -9.31 34.56 -54.09
N ALA A 457 -9.12 33.29 -53.75
CA ALA A 457 -8.02 32.50 -54.34
C ALA A 457 -8.32 32.19 -55.78
N LEU A 458 -9.57 31.89 -56.07
CA LEU A 458 -9.99 31.62 -57.45
C LEU A 458 -9.91 32.89 -58.31
N ARG A 459 -10.28 34.01 -57.73
CA ARG A 459 -10.18 35.30 -58.42
C ARG A 459 -8.73 35.75 -58.54
N LEU A 460 -7.89 35.41 -57.58
CA LEU A 460 -6.47 35.66 -57.74
C LEU A 460 -5.92 34.84 -58.89
N ALA A 461 -6.34 33.58 -59.04
CA ALA A 461 -5.84 32.74 -60.16
C ALA A 461 -6.16 33.37 -61.53
N ALA A 462 -7.41 33.82 -61.73
CA ALA A 462 -7.88 34.32 -63.04
C ALA A 462 -7.30 35.69 -63.42
N ASP A 463 -7.10 36.55 -62.42
CA ASP A 463 -6.34 37.80 -62.60
C ASP A 463 -4.86 37.56 -62.99
N PHE A 464 -4.19 36.61 -62.33
CA PHE A 464 -2.78 36.29 -62.65
C PHE A 464 -2.64 35.79 -64.11
N GLU A 465 -3.56 34.94 -64.56
CA GLU A 465 -3.65 34.66 -65.99
C GLU A 465 -4.42 35.83 -66.65
N ASP B 1 5.53 36.07 32.26
CA ASP B 1 5.43 36.42 33.71
C ASP B 1 5.37 35.14 34.60
N HIS B 2 6.09 35.19 35.72
CA HIS B 2 6.18 34.06 36.64
C HIS B 2 4.83 33.82 37.34
N GLN B 3 4.05 34.86 37.60
CA GLN B 3 2.80 34.76 38.40
C GLN B 3 1.68 34.18 37.59
N VAL B 4 1.64 34.61 36.34
CA VAL B 4 0.78 34.04 35.31
C VAL B 4 1.07 32.54 35.27
N LYS B 5 2.33 32.15 35.08
CA LYS B 5 2.72 30.73 35.01
C LYS B 5 2.38 29.93 36.27
N ASP B 6 2.42 30.52 37.45
CA ASP B 6 1.98 29.83 38.65
C ASP B 6 0.48 29.67 38.68
N SER B 7 -0.24 30.51 37.93
CA SER B 7 -1.70 30.33 37.74
C SER B 7 -2.04 29.19 36.75
N LEU B 8 -1.26 29.12 35.68
CA LEU B 8 -1.42 28.07 34.67
C LEU B 8 -1.19 26.66 35.24
N GLU B 9 -0.18 26.50 36.13
CA GLU B 9 0.09 25.23 36.82
C GLU B 9 -1.05 24.83 37.78
N GLN B 10 -1.93 25.77 38.18
CA GLN B 10 -3.16 25.44 38.94
C GLN B 10 -4.21 24.75 38.04
N LEU B 11 -4.35 25.21 36.79
CA LEU B 11 -5.40 24.72 35.88
C LEU B 11 -5.43 23.20 35.65
N ARG B 12 -6.63 22.64 35.74
CA ARG B 12 -6.87 21.24 35.42
C ARG B 12 -7.12 21.11 33.93
N CYS B 13 -6.07 20.73 33.21
CA CYS B 13 -6.11 20.65 31.76
C CYS B 13 -4.93 19.78 31.30
N HIS B 14 -4.82 19.57 29.99
CA HIS B 14 -3.80 18.63 29.44
C HIS B 14 -2.38 19.01 29.75
N PHE B 15 -2.14 20.30 29.97
CA PHE B 15 -0.78 20.80 30.21
C PHE B 15 -0.29 20.44 31.61
N THR B 16 -1.21 20.15 32.54
CA THR B 16 -0.87 19.79 33.90
C THR B 16 -1.25 18.35 34.31
N TRP B 17 -1.44 17.46 33.34
CA TRP B 17 -1.87 16.09 33.61
C TRP B 17 -0.73 15.09 33.40
N GLU B 18 0.44 15.61 33.04
CA GLU B 18 1.66 14.81 32.85
C GLU B 18 1.32 13.53 32.11
N LEU B 19 0.85 13.70 30.89
CA LEU B 19 0.60 12.59 29.97
C LEU B 19 1.96 12.14 29.42
N SER B 20 2.29 10.86 29.59
CA SER B 20 3.61 10.38 29.15
C SER B 20 3.47 10.05 27.66
N ILE B 21 4.06 10.92 26.82
CA ILE B 21 3.98 10.79 25.37
C ILE B 21 5.39 10.89 24.79
N ASP B 22 6.01 9.76 24.54
CA ASP B 22 7.27 9.76 23.82
C ASP B 22 7.17 10.42 22.44
N ASP B 23 8.29 10.96 21.99
CA ASP B 23 8.38 11.60 20.69
C ASP B 23 8.11 10.57 19.60
N ASP B 24 8.53 9.35 19.86
CA ASP B 24 8.28 8.25 18.98
C ASP B 24 6.79 7.97 18.80
N GLU B 25 5.99 8.19 19.83
CA GLU B 25 4.55 7.85 19.84
C GLU B 25 3.58 8.88 19.19
N MET B 26 4.10 10.08 18.96
CA MET B 26 3.33 11.21 18.46
C MET B 26 2.63 11.02 17.13
N PRO B 27 3.34 10.53 16.11
CA PRO B 27 2.57 10.33 14.85
C PRO B 27 1.44 9.31 15.02
N ASP B 28 1.68 8.25 15.75
CA ASP B 28 0.63 7.28 16.02
C ASP B 28 -0.51 7.85 16.84
N LEU B 29 -0.17 8.58 17.89
CA LEU B 29 -1.16 9.21 18.74
C LEU B 29 -2.11 10.11 17.95
N GLU B 30 -1.55 10.90 17.05
CA GLU B 30 -2.34 11.86 16.31
C GLU B 30 -3.33 11.15 15.37
N ASN B 31 -2.82 10.19 14.62
CA ASN B 31 -3.63 9.32 13.79
C ASN B 31 -4.83 8.77 14.58
N ARG B 32 -4.56 8.19 15.75
CA ARG B 32 -5.59 7.66 16.68
C ARG B 32 -6.59 8.72 17.20
N VAL B 33 -6.10 9.92 17.52
CA VAL B 33 -6.98 11.05 17.89
C VAL B 33 -7.86 11.44 16.71
N LEU B 34 -7.31 11.54 15.50
CA LEU B 34 -8.12 11.85 14.31
C LEU B 34 -9.12 10.73 13.97
N ASP B 35 -8.70 9.46 14.05
CA ASP B 35 -9.61 8.28 13.92
C ASP B 35 -10.80 8.31 14.88
N GLN B 36 -10.55 8.71 16.11
CA GLN B 36 -11.60 8.82 17.10
C GLN B 36 -12.58 9.94 16.83
N ILE B 37 -12.09 11.04 16.29
CA ILE B 37 -12.95 12.15 15.96
C ILE B 37 -13.93 11.75 14.87
N GLU B 38 -13.43 11.12 13.80
CA GLU B 38 -14.22 10.64 12.70
C GLU B 38 -15.14 9.46 13.03
N PHE B 39 -14.77 8.56 13.95
CA PHE B 39 -15.44 7.23 14.06
C PHE B 39 -15.98 6.73 15.39
N LEU B 40 -15.67 7.38 16.51
CA LEU B 40 -16.11 6.88 17.79
C LEU B 40 -17.43 7.54 18.18
N ASP B 41 -18.43 6.72 18.46
CA ASP B 41 -19.74 7.13 19.01
C ASP B 41 -19.59 7.51 20.47
N THR B 42 -19.50 8.80 20.74
CA THR B 42 -19.55 9.30 22.10
C THR B 42 -20.53 10.46 22.20
N LYS B 43 -21.06 10.72 23.40
CA LYS B 43 -22.02 11.82 23.58
C LYS B 43 -21.37 13.23 23.44
N TYR B 44 -20.18 13.43 24.01
CA TYR B 44 -19.46 14.72 23.93
C TYR B 44 -18.12 14.49 23.24
N SER B 45 -17.78 15.28 22.24
CA SER B 45 -16.49 15.15 21.55
C SER B 45 -15.57 16.35 21.78
N VAL B 46 -15.83 17.09 22.85
CA VAL B 46 -14.97 18.21 23.24
C VAL B 46 -13.57 17.75 23.73
N GLY B 47 -13.58 16.76 24.63
CA GLY B 47 -12.39 16.08 25.12
C GLY B 47 -11.38 15.62 24.10
N ILE B 48 -11.82 14.86 23.11
CA ILE B 48 -10.88 14.39 22.07
C ILE B 48 -10.33 15.55 21.20
N HIS B 49 -11.10 16.60 21.01
CA HIS B 49 -10.60 17.81 20.36
C HIS B 49 -9.60 18.57 21.22
N ASN B 50 -9.84 18.63 22.52
CA ASN B 50 -8.82 19.20 23.43
C ASN B 50 -7.50 18.46 23.35
N LEU B 51 -7.55 17.14 23.40
CA LEU B 51 -6.35 16.31 23.24
C LEU B 51 -5.70 16.59 21.92
N LEU B 52 -6.47 16.76 20.86
CA LEU B 52 -5.85 17.04 19.54
C LEU B 52 -5.04 18.31 19.62
N ALA B 53 -5.62 19.33 20.27
CA ALA B 53 -4.92 20.61 20.47
C ALA B 53 -3.56 20.42 21.11
N TYR B 54 -3.54 19.76 22.27
CA TYR B 54 -2.29 19.49 23.00
C TYR B 54 -1.24 18.86 22.10
N VAL B 55 -1.67 17.90 21.29
CA VAL B 55 -0.77 17.12 20.45
C VAL B 55 -0.24 17.99 19.33
N LYS B 56 -1.08 18.85 18.76
CA LYS B 56 -0.62 19.83 17.77
C LYS B 56 0.42 20.70 18.41
N HIS B 57 0.17 21.13 19.63
CA HIS B 57 1.17 21.89 20.35
C HIS B 57 2.48 21.14 20.54
N LEU B 58 2.46 19.87 20.96
CA LEU B 58 3.73 19.13 21.10
C LEU B 58 4.48 18.92 19.77
N LYS B 59 3.78 18.93 18.63
CA LYS B 59 4.44 18.97 17.32
C LYS B 59 5.00 20.35 16.95
N GLY B 60 4.69 21.39 17.74
CA GLY B 60 5.06 22.75 17.41
C GLY B 60 4.24 23.30 16.26
N GLN B 61 2.93 23.11 16.34
CA GLN B 61 1.96 23.66 15.40
C GLN B 61 0.89 24.39 16.19
N ASN B 62 1.27 25.50 16.81
CA ASN B 62 0.40 26.20 17.73
C ASN B 62 -0.85 26.83 17.10
N GLU B 63 -0.80 27.20 15.82
CA GLU B 63 -2.01 27.72 15.14
C GLU B 63 -3.02 26.59 14.96
N GLU B 64 -2.54 25.40 14.64
CA GLU B 64 -3.39 24.21 14.53
C GLU B 64 -4.02 23.86 15.88
N ALA B 65 -3.24 23.93 16.95
CA ALA B 65 -3.77 23.72 18.31
C ALA B 65 -4.92 24.68 18.60
N LEU B 66 -4.74 25.92 18.19
CA LEU B 66 -5.77 26.91 18.44
C LEU B 66 -7.03 26.61 17.66
N LYS B 67 -6.88 26.11 16.44
CA LYS B 67 -8.02 25.64 15.64
C LYS B 67 -8.84 24.63 16.42
N SER B 68 -8.20 23.59 16.93
CA SER B 68 -8.91 22.49 17.58
C SER B 68 -9.59 22.96 18.87
N LEU B 69 -8.98 23.92 19.56
CA LEU B 69 -9.61 24.49 20.76
C LEU B 69 -10.85 25.31 20.41
N LYS B 70 -10.84 26.04 19.28
CA LYS B 70 -12.04 26.75 18.78
C LYS B 70 -13.11 25.76 18.31
N GLU B 71 -12.69 24.69 17.63
CA GLU B 71 -13.64 23.65 17.22
C GLU B 71 -14.32 23.09 18.46
N ALA B 72 -13.53 22.74 19.46
CA ALA B 72 -14.05 22.28 20.75
C ALA B 72 -15.01 23.26 21.41
N GLU B 73 -14.62 24.53 21.44
CA GLU B 73 -15.45 25.63 21.96
C GLU B 73 -16.83 25.64 21.29
N ASN B 74 -16.82 25.57 19.96
CA ASN B 74 -18.03 25.54 19.15
C ASN B 74 -18.98 24.41 19.47
N LEU B 75 -18.40 23.27 19.86
CA LEU B 75 -19.17 22.09 20.28
C LEU B 75 -19.85 22.17 21.65
N MET B 76 -19.38 23.02 22.56
CA MET B 76 -20.06 23.20 23.86
C MET B 76 -20.94 24.46 23.73
N GLN B 77 -22.06 24.30 23.01
CA GLN B 77 -22.85 25.40 22.37
C GLN B 77 -22.05 26.61 21.88
N ASN B 85 -21.44 23.33 31.27
CA ASN B 85 -20.33 24.22 30.93
C ASN B 85 -19.01 23.83 31.63
N VAL B 86 -19.08 23.09 32.74
CA VAL B 86 -17.88 22.75 33.50
C VAL B 86 -16.79 22.04 32.68
N ARG B 87 -17.15 21.33 31.61
CA ARG B 87 -16.11 20.76 30.69
C ARG B 87 -15.40 21.83 29.85
N SER B 88 -16.02 23.01 29.76
CA SER B 88 -15.36 24.16 29.19
C SER B 88 -14.06 24.47 29.90
N LEU B 89 -14.01 24.26 31.23
CA LEU B 89 -12.79 24.48 32.03
C LEU B 89 -11.54 23.93 31.40
N VAL B 90 -11.61 22.72 30.82
CA VAL B 90 -10.41 22.11 30.25
C VAL B 90 -10.00 22.83 28.99
N THR B 91 -11.00 23.15 28.16
CA THR B 91 -10.72 23.89 26.94
C THR B 91 -10.10 25.23 27.27
N TRP B 92 -10.66 25.90 28.26
CA TRP B 92 -10.18 27.20 28.67
C TRP B 92 -8.77 27.15 29.22
N GLY B 93 -8.50 26.15 30.07
CA GLY B 93 -7.15 25.95 30.56
C GLY B 93 -6.18 25.70 29.42
N ASN B 94 -6.62 24.88 28.46
CA ASN B 94 -5.84 24.67 27.25
C ASN B 94 -5.60 25.97 26.45
N PHE B 95 -6.58 26.87 26.41
CA PHE B 95 -6.43 28.18 25.72
C PHE B 95 -5.40 29.01 26.46
N ALA B 96 -5.61 29.14 27.76
CA ALA B 96 -4.76 29.93 28.59
C ALA B 96 -3.29 29.54 28.36
N TRP B 97 -2.99 28.26 28.53
CA TRP B 97 -1.66 27.74 28.28
C TRP B 97 -1.16 28.06 26.88
N MET B 98 -2.02 27.85 25.88
CA MET B 98 -1.66 28.02 24.48
C MET B 98 -1.30 29.45 24.19
N TYR B 99 -2.16 30.38 24.61
CA TYR B 99 -1.88 31.79 24.39
C TYR B 99 -0.63 32.24 25.15
N TYR B 100 -0.40 31.70 26.35
CA TYR B 100 0.83 31.96 27.08
C TYR B 100 2.01 31.53 26.24
N HIS B 101 1.92 30.34 25.67
CA HIS B 101 3.04 29.78 24.90
C HIS B 101 3.33 30.56 23.59
N MET B 102 2.30 31.19 23.04
CA MET B 102 2.43 32.04 21.85
C MET B 102 2.66 33.56 22.14
N GLY B 103 3.05 33.93 23.36
CA GLY B 103 3.37 35.34 23.68
C GLY B 103 2.21 36.33 23.65
N ARG B 104 1.03 35.84 23.99
CA ARG B 104 -0.18 36.63 24.00
C ARG B 104 -0.74 36.56 25.41
N LEU B 105 0.07 37.05 26.34
CA LEU B 105 -0.25 36.97 27.77
C LEU B 105 -1.61 37.57 28.11
N ALA B 106 -2.06 38.57 27.34
CA ALA B 106 -3.36 39.22 27.58
C ALA B 106 -4.54 38.28 27.33
N GLU B 107 -4.51 37.56 26.22
CA GLU B 107 -5.57 36.56 25.95
C GLU B 107 -5.49 35.40 26.96
N ALA B 108 -4.29 34.90 27.23
CA ALA B 108 -4.08 33.86 28.27
C ALA B 108 -4.68 34.20 29.64
N GLN B 109 -4.77 35.50 29.93
CA GLN B 109 -5.35 36.02 31.18
C GLN B 109 -6.86 36.19 31.09
N THR B 110 -7.36 36.52 29.91
CA THR B 110 -8.81 36.55 29.65
C THR B 110 -9.41 35.19 29.97
N TYR B 111 -8.67 34.12 29.61
CA TYR B 111 -9.07 32.71 29.84
C TYR B 111 -8.85 32.25 31.29
N LEU B 112 -7.76 32.67 31.92
CA LEU B 112 -7.64 32.48 33.35
C LEU B 112 -8.84 33.08 34.09
N ASP B 113 -9.23 34.31 33.69
CA ASP B 113 -10.35 35.01 34.33
C ASP B 113 -11.59 34.16 34.20
N LYS B 114 -11.88 33.72 32.97
CA LYS B 114 -13.03 32.85 32.72
C LYS B 114 -13.04 31.61 33.61
N VAL B 115 -11.88 30.97 33.79
CA VAL B 115 -11.77 29.76 34.63
C VAL B 115 -12.06 30.12 36.10
N GLU B 116 -11.38 31.17 36.59
CA GLU B 116 -11.58 31.70 37.95
C GLU B 116 -13.03 32.03 38.20
N ASN B 117 -13.65 32.67 37.19
CA ASN B 117 -15.07 33.03 37.22
C ASN B 117 -16.01 31.88 37.54
N ILE B 118 -15.64 30.65 37.16
CA ILE B 118 -16.51 29.48 37.33
C ILE B 118 -16.17 28.67 38.61
N CYS B 119 -15.04 28.95 39.27
CA CYS B 119 -14.64 28.27 40.54
C CYS B 119 -15.04 29.04 41.85
N LYS B 120 -16.31 28.89 42.26
CA LYS B 120 -16.87 29.55 43.47
C LYS B 120 -17.97 28.70 44.11
N SER B 123 -17.04 28.82 47.21
CA SER B 123 -16.13 28.99 48.33
C SER B 123 -15.15 27.79 48.46
N ASN B 124 -14.30 27.66 47.44
CA ASN B 124 -13.30 26.57 47.35
C ASN B 124 -11.87 27.10 47.62
N PRO B 125 -10.99 26.26 48.21
CA PRO B 125 -9.62 26.70 48.57
C PRO B 125 -8.74 27.23 47.41
N PHE B 126 -9.00 26.80 46.17
CA PHE B 126 -8.18 27.20 45.01
C PHE B 126 -8.88 28.24 44.13
N ARG B 127 -8.07 28.84 43.28
CA ARG B 127 -8.47 29.97 42.43
C ARG B 127 -8.87 29.48 41.05
N TYR B 128 -7.99 28.67 40.44
CA TYR B 128 -8.14 28.18 39.07
C TYR B 128 -8.41 26.68 38.91
N ARG B 129 -8.59 25.98 40.03
CA ARG B 129 -8.98 24.57 40.07
C ARG B 129 -10.34 24.46 40.72
N MET B 130 -11.04 23.36 40.45
CA MET B 130 -12.13 22.90 41.34
C MET B 130 -12.34 21.40 41.17
N GLU B 131 -12.74 20.74 42.26
CA GLU B 131 -13.04 19.31 42.23
C GLU B 131 -14.38 19.21 41.57
N CYS B 132 -14.46 18.47 40.47
CA CYS B 132 -15.75 18.10 39.91
C CYS B 132 -15.61 16.86 39.04
N PRO B 133 -16.59 15.96 39.09
CA PRO B 133 -16.43 14.62 38.51
C PRO B 133 -16.18 14.59 36.99
N GLU B 134 -16.90 15.43 36.24
CA GLU B 134 -16.71 15.58 34.78
C GLU B 134 -15.24 15.76 34.40
N ILE B 135 -14.52 16.61 35.12
CA ILE B 135 -13.09 16.89 34.84
C ILE B 135 -12.24 15.65 35.15
N ASP B 136 -12.60 14.91 36.20
CA ASP B 136 -11.89 13.68 36.52
C ASP B 136 -12.03 12.67 35.37
N CYS B 137 -13.24 12.47 34.82
CA CYS B 137 -13.40 11.66 33.58
C CYS B 137 -12.54 12.20 32.46
N GLU B 138 -12.62 13.49 32.21
CA GLU B 138 -11.85 14.10 31.14
C GLU B 138 -10.35 13.79 31.23
N GLU B 139 -9.85 13.66 32.46
CA GLU B 139 -8.45 13.28 32.69
C GLU B 139 -8.25 11.82 32.34
N GLY B 140 -9.15 11.00 32.83
CA GLY B 140 -9.10 9.58 32.57
C GLY B 140 -9.13 9.20 31.11
N TRP B 141 -9.92 9.92 30.29
CA TRP B 141 -9.92 9.62 28.86
C TRP B 141 -8.60 10.09 28.23
N ALA B 142 -8.11 11.25 28.64
CA ALA B 142 -6.84 11.73 28.07
C ALA B 142 -5.72 10.72 28.36
N LEU B 143 -5.58 10.33 29.62
CA LEU B 143 -4.57 9.35 30.01
C LEU B 143 -4.80 8.04 29.30
N LEU B 144 -6.05 7.64 29.15
CA LEU B 144 -6.34 6.34 28.52
C LEU B 144 -5.99 6.27 27.04
N LYS B 145 -5.91 7.43 26.40
CA LYS B 145 -5.57 7.54 24.98
C LYS B 145 -4.05 7.67 24.72
N CYS B 146 -3.27 7.91 25.77
CA CYS B 146 -1.87 8.26 25.64
C CYS B 146 -0.94 7.11 25.96
N GLY B 147 -1.45 5.90 25.92
CA GLY B 147 -0.62 4.70 26.00
C GLY B 147 -0.62 4.01 27.37
N GLY B 148 -0.25 2.73 27.32
CA GLY B 148 -0.02 1.89 28.46
C GLY B 148 0.43 2.46 29.77
N LYS B 149 1.54 3.17 29.81
CA LYS B 149 2.05 3.55 31.13
C LYS B 149 1.15 4.51 31.91
N ASN B 150 0.23 5.18 31.23
CA ASN B 150 -0.76 6.02 31.87
C ASN B 150 -2.00 5.27 32.40
N TYR B 151 -2.08 3.94 32.34
CA TYR B 151 -3.35 3.27 32.58
C TYR B 151 -3.79 3.17 34.04
N GLU B 152 -2.84 3.06 34.95
CA GLU B 152 -3.17 2.89 36.36
C GLU B 152 -3.77 4.19 36.83
N ARG B 153 -3.15 5.28 36.38
CA ARG B 153 -3.63 6.60 36.71
C ARG B 153 -5.01 6.84 36.10
N ALA B 154 -5.21 6.46 34.84
CA ALA B 154 -6.55 6.62 34.25
C ALA B 154 -7.61 5.82 35.05
N LYS B 155 -7.28 4.59 35.45
CA LYS B 155 -8.19 3.80 36.34
C LYS B 155 -8.53 4.56 37.64
N ALA B 156 -7.51 5.15 38.24
CA ALA B 156 -7.67 5.93 39.46
C ALA B 156 -8.63 7.11 39.28
N CYS B 157 -8.48 7.89 38.21
CA CYS B 157 -9.41 8.98 37.85
C CYS B 157 -10.89 8.52 37.76
N PHE B 158 -11.14 7.40 37.09
CA PHE B 158 -12.51 6.91 36.99
C PHE B 158 -13.02 6.37 38.34
N GLU B 159 -12.18 5.65 39.11
CA GLU B 159 -12.55 5.18 40.47
C GLU B 159 -12.90 6.36 41.37
N LYS B 160 -12.15 7.44 41.23
CA LYS B 160 -12.41 8.63 42.00
C LYS B 160 -13.90 9.02 41.83
N VAL B 161 -14.40 9.02 40.60
CA VAL B 161 -15.79 9.38 40.38
C VAL B 161 -16.74 8.29 40.84
N LEU B 162 -16.44 7.03 40.56
CA LEU B 162 -17.30 5.93 41.00
C LEU B 162 -17.44 5.74 42.54
N GLU B 163 -16.43 6.21 43.30
CA GLU B 163 -16.43 6.19 44.78
C GLU B 163 -17.58 7.02 45.37
N VAL B 164 -17.77 8.21 44.82
CA VAL B 164 -18.95 9.02 45.09
C VAL B 164 -20.18 8.41 44.40
N ASP B 165 -20.15 8.36 43.07
CA ASP B 165 -21.34 8.06 42.25
C ASP B 165 -21.20 6.74 41.43
N PRO B 166 -21.41 5.57 42.09
CA PRO B 166 -21.14 4.29 41.45
C PRO B 166 -22.08 3.82 40.30
N GLU B 167 -23.09 4.60 39.91
CA GLU B 167 -23.89 4.28 38.71
C GLU B 167 -23.75 5.41 37.67
N ASN B 168 -22.58 6.02 37.67
CA ASN B 168 -22.25 7.00 36.68
C ASN B 168 -21.96 6.26 35.39
N PRO B 169 -22.72 6.52 34.31
CA PRO B 169 -22.46 5.74 33.10
C PRO B 169 -21.09 5.94 32.44
N GLU B 170 -20.63 7.19 32.37
CA GLU B 170 -19.38 7.54 31.67
C GLU B 170 -18.14 6.96 32.35
N SER B 171 -18.01 7.18 33.65
CA SER B 171 -16.90 6.66 34.44
C SER B 171 -16.96 5.16 34.65
N SER B 172 -18.16 4.63 34.67
CA SER B 172 -18.29 3.19 34.74
C SER B 172 -17.67 2.56 33.47
N ALA B 173 -17.79 3.26 32.35
CA ALA B 173 -17.22 2.81 31.08
C ALA B 173 -15.72 2.98 31.07
N GLY B 174 -15.29 4.21 31.37
CA GLY B 174 -13.90 4.53 31.52
C GLY B 174 -13.17 3.63 32.48
N TYR B 175 -13.76 3.40 33.65
CA TYR B 175 -13.17 2.46 34.62
C TYR B 175 -12.98 1.11 33.95
N ALA B 176 -14.05 0.66 33.29
CA ALA B 176 -14.08 -0.68 32.74
C ALA B 176 -13.13 -0.87 31.59
N ILE B 177 -12.98 0.11 30.71
CA ILE B 177 -12.04 -0.02 29.59
C ILE B 177 -10.59 -0.08 30.11
N SER B 178 -10.27 0.79 31.07
CA SER B 178 -8.97 0.78 31.77
C SER B 178 -8.70 -0.59 32.41
N ALA B 179 -9.68 -1.12 33.15
CA ALA B 179 -9.46 -2.38 33.86
C ALA B 179 -9.22 -3.47 32.85
N TYR B 180 -9.87 -3.40 31.67
CA TYR B 180 -9.78 -4.49 30.68
C TYR B 180 -8.39 -4.50 30.06
N ARG B 181 -7.86 -3.31 29.80
CA ARG B 181 -6.56 -3.21 29.21
C ARG B 181 -5.50 -3.60 30.20
N LEU B 182 -5.66 -3.22 31.46
CA LEU B 182 -4.76 -3.73 32.53
C LEU B 182 -4.84 -5.21 32.70
N ASP B 183 -6.02 -5.80 32.60
CA ASP B 183 -6.12 -7.28 32.56
C ASP B 183 -5.29 -7.84 31.43
N GLY B 184 -5.31 -7.16 30.28
CA GLY B 184 -4.61 -7.63 29.09
C GLY B 184 -3.14 -7.82 29.32
N PHE B 185 -2.58 -6.94 30.12
CA PHE B 185 -1.18 -6.95 30.45
C PHE B 185 -0.80 -8.22 31.23
N LYS B 186 -1.71 -8.67 32.12
CA LYS B 186 -1.53 -9.89 32.94
C LYS B 186 -1.93 -11.22 32.29
N LEU B 187 -2.47 -11.23 31.07
CA LEU B 187 -2.92 -12.51 30.46
C LEU B 187 -1.84 -13.58 30.26
N ALA B 188 -0.59 -13.18 30.12
CA ALA B 188 0.54 -14.10 30.03
C ALA B 188 0.94 -14.70 31.39
N THR B 189 0.77 -13.90 32.45
CA THR B 189 1.01 -14.31 33.84
C THR B 189 0.13 -15.49 34.28
N LYS B 190 0.65 -16.28 35.21
CA LYS B 190 -0.16 -17.29 35.88
C LYS B 190 -1.03 -16.64 36.93
N ASN B 191 -2.16 -17.28 37.24
CA ASN B 191 -3.15 -16.82 38.23
C ASN B 191 -3.74 -15.43 37.95
N HIS B 192 -3.74 -15.00 36.69
CA HIS B 192 -4.48 -13.79 36.31
C HIS B 192 -6.00 -13.99 36.52
N LYS B 193 -6.67 -12.92 36.96
CA LYS B 193 -8.11 -12.92 37.24
C LYS B 193 -8.87 -11.99 36.28
N PRO B 194 -10.15 -12.30 36.03
CA PRO B 194 -10.99 -11.43 35.22
C PRO B 194 -11.56 -10.24 36.02
N PHE B 195 -10.69 -9.37 36.57
CA PHE B 195 -11.10 -8.21 37.37
C PHE B 195 -12.02 -7.29 36.61
N SER B 196 -11.82 -7.18 35.31
CA SER B 196 -12.66 -6.35 34.44
C SER B 196 -14.00 -6.90 34.03
N LEU B 197 -14.21 -8.22 34.09
CA LEU B 197 -15.53 -8.82 33.72
C LEU B 197 -16.78 -8.24 34.47
N LEU B 198 -16.75 -8.03 35.79
CA LEU B 198 -17.90 -7.32 36.42
C LEU B 198 -18.10 -5.83 36.02
N PRO B 199 -17.00 -5.03 35.96
CA PRO B 199 -17.06 -3.66 35.45
C PRO B 199 -17.58 -3.55 34.02
N LEU B 200 -17.19 -4.47 33.15
CA LEU B 200 -17.68 -4.49 31.80
C LEU B 200 -19.20 -4.72 31.78
N ARG B 201 -19.66 -5.77 32.45
CA ARG B 201 -21.13 -6.00 32.62
C ARG B 201 -21.84 -4.76 33.17
N GLN B 202 -21.27 -4.13 34.18
CA GLN B 202 -21.83 -2.88 34.64
C GLN B 202 -21.84 -1.79 33.57
N ALA B 203 -20.73 -1.64 32.84
CA ALA B 203 -20.60 -0.62 31.79
C ALA B 203 -21.64 -0.77 30.72
N VAL B 204 -21.79 -1.98 30.21
CA VAL B 204 -22.80 -2.27 29.24
C VAL B 204 -24.20 -2.01 29.81
N ARG B 205 -24.51 -2.55 30.99
CA ARG B 205 -25.79 -2.26 31.62
C ARG B 205 -26.07 -0.80 31.60
N LEU B 206 -25.09 0.06 31.92
CA LEU B 206 -25.33 1.51 32.02
C LEU B 206 -25.13 2.31 30.75
N ASN B 207 -24.43 1.75 29.76
CA ASN B 207 -24.26 2.37 28.42
C ASN B 207 -24.73 1.35 27.39
N PRO B 208 -26.07 1.14 27.33
CA PRO B 208 -26.67 0.07 26.57
C PRO B 208 -26.48 0.22 25.08
N ASP B 209 -26.25 1.44 24.62
CA ASP B 209 -26.03 1.68 23.19
C ASP B 209 -24.55 1.68 22.76
N ASN B 210 -23.64 1.33 23.66
CA ASN B 210 -22.21 1.52 23.43
C ASN B 210 -21.54 0.27 22.86
N GLY B 211 -21.43 0.22 21.53
CA GLY B 211 -20.86 -0.97 20.86
C GLY B 211 -19.44 -1.31 21.28
N TYR B 212 -18.65 -0.27 21.56
CA TYR B 212 -17.26 -0.43 21.95
C TYR B 212 -17.15 -1.36 23.13
N ILE B 213 -17.95 -1.06 24.14
CA ILE B 213 -17.95 -1.82 25.39
C ILE B 213 -18.50 -3.23 25.23
N LYS B 214 -19.49 -3.38 24.37
CA LYS B 214 -20.04 -4.69 24.09
C LYS B 214 -19.02 -5.66 23.61
N VAL B 215 -18.20 -5.23 22.65
CA VAL B 215 -17.23 -6.13 22.06
C VAL B 215 -16.13 -6.46 23.02
N LEU B 216 -15.75 -5.51 23.89
CA LEU B 216 -14.69 -5.83 24.88
C LEU B 216 -15.21 -6.84 25.86
N LEU B 217 -16.43 -6.62 26.37
CA LEU B 217 -17.12 -7.62 27.19
C LEU B 217 -17.12 -9.00 26.51
N ALA B 218 -17.46 -9.04 25.21
CA ALA B 218 -17.35 -10.29 24.41
C ALA B 218 -15.96 -10.90 24.54
N LEU B 219 -14.93 -10.08 24.35
CA LEU B 219 -13.59 -10.62 24.40
C LEU B 219 -13.20 -11.16 25.76
N LYS B 220 -13.70 -10.56 26.84
CA LYS B 220 -13.34 -10.99 28.19
C LYS B 220 -14.12 -12.23 28.50
N LEU B 221 -15.35 -12.32 27.99
CA LEU B 221 -16.16 -13.53 28.10
C LEU B 221 -15.44 -14.72 27.45
N GLN B 222 -15.00 -14.53 26.20
CA GLN B 222 -14.20 -15.54 25.46
C GLN B 222 -12.92 -15.98 26.22
N ASP B 223 -12.26 -15.05 26.89
CA ASP B 223 -11.08 -15.36 27.71
C ASP B 223 -11.42 -16.38 28.76
N GLU B 224 -12.58 -16.19 29.39
CA GLU B 224 -13.09 -17.03 30.46
C GLU B 224 -13.99 -18.17 29.95
N GLY B 225 -13.71 -18.71 28.77
CA GLY B 225 -14.45 -19.87 28.24
C GLY B 225 -15.89 -19.65 27.76
N GLN B 226 -16.48 -18.46 28.01
CA GLN B 226 -17.87 -18.21 27.72
C GLN B 226 -18.13 -17.74 26.30
N GLU B 227 -17.73 -18.54 25.34
CA GLU B 227 -17.77 -18.15 23.93
C GLU B 227 -19.18 -17.73 23.54
N ALA B 228 -20.17 -18.56 23.87
CA ALA B 228 -21.56 -18.36 23.38
C ALA B 228 -22.18 -17.04 23.82
N GLU B 229 -21.88 -16.60 25.03
CA GLU B 229 -22.41 -15.35 25.49
C GLU B 229 -21.74 -14.21 24.79
N GLY B 230 -20.42 -14.32 24.63
CA GLY B 230 -19.61 -13.31 23.99
C GLY B 230 -20.04 -13.07 22.57
N GLU B 231 -20.30 -14.17 21.87
CA GLU B 231 -20.68 -14.06 20.46
C GLU B 231 -22.00 -13.34 20.22
N LYS B 232 -22.93 -13.39 21.19
CA LYS B 232 -24.18 -12.60 21.15
C LYS B 232 -23.90 -11.13 21.14
N TYR B 233 -23.01 -10.69 22.03
CA TYR B 233 -22.58 -9.29 22.04
C TYR B 233 -21.86 -8.88 20.75
N ILE B 234 -21.01 -9.76 20.18
CA ILE B 234 -20.34 -9.45 18.91
C ILE B 234 -21.39 -9.20 17.87
N GLU B 235 -22.34 -10.14 17.78
CA GLU B 235 -23.47 -10.03 16.84
C GLU B 235 -24.40 -8.83 17.11
N GLU B 236 -24.77 -8.59 18.35
CA GLU B 236 -25.45 -7.34 18.63
C GLU B 236 -24.65 -6.10 18.16
N ALA B 237 -23.41 -5.97 18.61
CA ALA B 237 -22.56 -4.79 18.33
C ALA B 237 -22.37 -4.54 16.82
N LEU B 238 -22.18 -5.62 16.05
CA LEU B 238 -22.10 -5.56 14.60
C LEU B 238 -23.37 -5.14 13.90
N ALA B 239 -24.51 -5.16 14.60
CA ALA B 239 -25.80 -4.79 14.01
C ALA B 239 -26.17 -3.34 14.26
N ASN B 240 -25.34 -2.62 15.02
CA ASN B 240 -25.58 -1.21 15.37
C ASN B 240 -24.52 -0.25 14.79
N MET B 241 -24.92 0.98 14.47
CA MET B 241 -23.94 1.96 13.96
CA MET B 241 -24.01 2.07 14.01
C MET B 241 -22.82 2.24 14.94
N SER B 242 -23.13 2.30 16.23
CA SER B 242 -22.17 2.65 17.30
C SER B 242 -20.70 2.11 17.15
N SER B 243 -19.81 3.04 16.80
CA SER B 243 -18.36 2.82 16.79
C SER B 243 -18.03 1.61 15.95
N GLN B 244 -18.73 1.53 14.84
CA GLN B 244 -18.68 0.39 13.96
C GLN B 244 -17.24 -0.08 13.65
N THR B 245 -16.36 0.86 13.30
CA THR B 245 -14.97 0.54 12.93
C THR B 245 -14.20 -0.09 14.07
N TYR B 246 -14.54 0.29 15.29
CA TYR B 246 -13.91 -0.27 16.47
C TYR B 246 -14.50 -1.64 16.78
N VAL B 247 -15.81 -1.80 16.60
CA VAL B 247 -16.50 -3.10 16.72
C VAL B 247 -15.88 -4.11 15.78
N PHE B 248 -15.56 -3.67 14.58
CA PHE B 248 -14.86 -4.52 13.62
C PHE B 248 -13.53 -5.05 14.10
N ARG B 249 -12.80 -4.24 14.85
CA ARG B 249 -11.46 -4.63 15.30
C ARG B 249 -11.56 -5.77 16.34
N TYR B 250 -12.46 -5.60 17.32
CA TYR B 250 -12.58 -6.58 18.43
C TYR B 250 -13.44 -7.78 18.02
N ALA B 251 -14.42 -7.59 17.16
CA ALA B 251 -15.11 -8.76 16.57
C ALA B 251 -14.11 -9.61 15.86
N ALA B 252 -13.26 -8.99 15.05
CA ALA B 252 -12.23 -9.71 14.28
C ALA B 252 -11.36 -10.48 15.20
N LYS B 253 -10.97 -9.87 16.31
CA LYS B 253 -10.13 -10.59 17.27
C LYS B 253 -10.90 -11.80 17.87
N PHE B 254 -12.19 -11.64 18.16
CA PHE B 254 -13.03 -12.69 18.65
C PHE B 254 -13.05 -13.84 17.66
N TYR B 255 -13.35 -13.55 16.42
CA TYR B 255 -13.47 -14.63 15.43
C TYR B 255 -12.09 -15.28 15.18
N ARG B 256 -10.98 -14.57 15.30
CA ARG B 256 -9.69 -15.22 15.08
C ARG B 256 -9.44 -16.25 16.15
N ARG B 257 -9.48 -15.81 17.40
CA ARG B 257 -9.33 -16.70 18.54
C ARG B 257 -10.29 -17.88 18.65
N LYS B 258 -11.39 -17.83 17.94
CA LYS B 258 -12.40 -18.90 17.89
C LYS B 258 -12.11 -19.82 16.69
N GLY B 259 -11.16 -19.44 15.82
CA GLY B 259 -10.71 -20.22 14.64
C GLY B 259 -11.30 -19.79 13.30
N SER B 260 -12.07 -18.70 13.28
CA SER B 260 -12.68 -18.18 12.09
C SER B 260 -11.79 -17.07 11.49
N VAL B 261 -10.63 -17.47 10.97
CA VAL B 261 -9.62 -16.52 10.55
C VAL B 261 -10.01 -15.75 9.27
N ASP B 262 -10.65 -16.42 8.30
CA ASP B 262 -11.11 -15.77 7.09
C ASP B 262 -12.11 -14.67 7.38
N LYS B 263 -13.06 -14.93 8.26
CA LYS B 263 -14.07 -13.94 8.74
C LYS B 263 -13.42 -12.74 9.45
N ALA B 264 -12.43 -13.04 10.25
CA ALA B 264 -11.68 -12.01 10.92
C ALA B 264 -11.08 -11.11 9.87
N LEU B 265 -10.46 -11.71 8.87
CA LEU B 265 -9.74 -10.97 7.88
C LEU B 265 -10.65 -10.02 7.14
N GLU B 266 -11.83 -10.46 6.68
CA GLU B 266 -12.80 -9.57 6.04
C GLU B 266 -13.11 -8.41 6.97
N LEU B 267 -13.37 -8.66 8.24
CA LEU B 267 -13.68 -7.56 9.12
C LEU B 267 -12.51 -6.56 9.21
N LEU B 268 -11.29 -7.10 9.35
CA LEU B 268 -10.12 -6.27 9.43
C LEU B 268 -9.90 -5.43 8.18
N LYS B 269 -10.21 -5.96 7.02
CA LYS B 269 -9.92 -5.25 5.77
C LYS B 269 -10.94 -4.14 5.54
N LYS B 270 -12.21 -4.47 5.75
CA LYS B 270 -13.23 -3.43 5.84
C LYS B 270 -12.82 -2.31 6.83
N ALA B 271 -12.35 -2.65 8.02
CA ALA B 271 -11.92 -1.62 8.99
C ALA B 271 -10.74 -0.75 8.50
N LEU B 272 -9.85 -1.38 7.72
CA LEU B 272 -8.69 -0.72 7.15
C LEU B 272 -9.05 0.35 6.12
N GLN B 273 -10.19 0.21 5.43
CA GLN B 273 -10.68 1.30 4.57
C GLN B 273 -10.89 2.59 5.37
N GLU B 274 -11.35 2.44 6.59
CA GLU B 274 -11.72 3.58 7.41
C GLU B 274 -10.47 4.16 8.13
N THR B 275 -9.61 3.28 8.69
CA THR B 275 -8.46 3.68 9.48
C THR B 275 -7.22 2.97 8.94
N PRO B 276 -6.78 3.31 7.73
CA PRO B 276 -5.61 2.64 7.14
C PRO B 276 -4.31 2.72 7.95
N THR B 277 -4.22 3.75 8.81
CA THR B 277 -3.07 4.00 9.67
C THR B 277 -3.07 3.25 11.02
N SER B 278 -4.05 2.37 11.28
CA SER B 278 -4.23 1.79 12.63
C SER B 278 -3.21 0.69 12.87
N VAL B 279 -2.31 0.88 13.85
CA VAL B 279 -1.31 -0.17 14.14
C VAL B 279 -1.96 -1.41 14.73
N LEU B 280 -3.06 -1.26 15.48
CA LEU B 280 -3.87 -2.40 15.93
C LEU B 280 -4.35 -3.23 14.77
N LEU B 281 -4.98 -2.57 13.80
CA LEU B 281 -5.39 -3.28 12.58
C LEU B 281 -4.19 -3.95 11.93
N HIS B 282 -3.08 -3.25 11.74
CA HIS B 282 -1.97 -3.91 11.05
C HIS B 282 -1.49 -5.16 11.75
N HIS B 283 -1.27 -5.02 13.06
CA HIS B 283 -0.85 -6.17 13.90
C HIS B 283 -1.89 -7.29 13.83
N GLN B 284 -3.18 -6.97 13.99
CA GLN B 284 -4.20 -8.01 14.00
C GLN B 284 -4.26 -8.73 12.66
N ILE B 285 -4.16 -7.97 11.57
CA ILE B 285 -4.09 -8.56 10.25
C ILE B 285 -2.84 -9.42 10.14
N GLY B 286 -1.69 -8.91 10.56
CA GLY B 286 -0.50 -9.79 10.67
C GLY B 286 -0.81 -11.11 11.37
N LEU B 287 -1.54 -11.07 12.49
CA LEU B 287 -1.86 -12.32 13.28
C LEU B 287 -2.75 -13.31 12.58
N CYS B 288 -3.62 -12.80 11.72
CA CYS B 288 -4.44 -13.63 10.86
C CYS B 288 -3.58 -14.38 9.85
N TYR B 289 -2.65 -13.70 9.20
CA TYR B 289 -1.76 -14.35 8.21
C TYR B 289 -0.86 -15.40 8.89
N LYS B 290 -0.30 -15.00 10.02
CA LYS B 290 0.41 -15.94 10.86
C LYS B 290 -0.50 -17.18 11.13
N ALA B 291 -1.74 -16.96 11.59
CA ALA B 291 -2.64 -18.07 11.89
C ALA B 291 -2.84 -18.99 10.69
N GLN B 292 -2.98 -18.39 9.52
CA GLN B 292 -3.12 -19.14 8.27
C GLN B 292 -1.83 -19.90 7.90
N MET B 293 -0.68 -19.31 8.19
CA MET B 293 0.65 -19.96 7.95
C MET B 293 0.76 -21.25 8.75
N ILE B 294 0.38 -21.19 10.01
CA ILE B 294 0.35 -22.36 10.88
C ILE B 294 -0.65 -23.38 10.37
N GLN B 295 -1.82 -22.97 9.89
CA GLN B 295 -2.78 -23.95 9.34
C GLN B 295 -2.09 -24.79 8.27
N ILE B 296 -1.40 -24.15 7.31
CA ILE B 296 -0.77 -24.88 6.21
C ILE B 296 0.44 -25.68 6.65
N LYS B 297 1.25 -25.15 7.55
CA LYS B 297 2.32 -25.94 8.14
C LYS B 297 1.77 -27.22 8.80
N GLU B 298 0.88 -27.09 9.78
CA GLU B 298 0.23 -28.27 10.38
C GLU B 298 -0.38 -29.23 9.33
N ALA B 299 -1.06 -28.70 8.31
CA ALA B 299 -1.69 -29.55 7.29
C ALA B 299 -0.74 -30.19 6.26
N THR B 300 0.56 -29.88 6.29
CA THR B 300 1.52 -30.40 5.30
C THR B 300 2.75 -31.02 5.97
N LYS B 301 2.62 -31.46 7.23
CA LYS B 301 3.75 -31.90 8.06
C LYS B 301 4.96 -30.96 8.03
N GLY B 302 4.71 -29.68 7.74
CA GLY B 302 5.80 -28.72 7.52
C GLY B 302 6.56 -28.87 6.22
N GLN B 303 6.00 -29.61 5.25
CA GLN B 303 6.67 -29.94 3.98
C GLN B 303 5.85 -29.44 2.80
N PRO B 304 5.52 -28.14 2.77
CA PRO B 304 4.56 -27.71 1.76
C PRO B 304 5.21 -27.67 0.39
N ARG B 305 4.47 -28.05 -0.64
CA ARG B 305 4.94 -27.98 -2.05
C ARG B 305 3.94 -27.25 -2.92
N GLY B 306 4.37 -26.94 -4.15
CA GLY B 306 3.49 -26.35 -5.16
C GLY B 306 2.59 -25.25 -4.61
N GLN B 307 1.28 -25.34 -4.89
CA GLN B 307 0.25 -24.40 -4.36
C GLN B 307 0.38 -24.07 -2.88
N ASN B 308 0.65 -25.07 -2.04
CA ASN B 308 0.66 -24.83 -0.61
C ASN B 308 1.87 -23.99 -0.18
N ARG B 309 3.02 -24.26 -0.77
CA ARG B 309 4.22 -23.43 -0.54
C ARG B 309 4.00 -22.02 -1.09
N GLU B 310 3.50 -21.92 -2.32
CA GLU B 310 3.05 -20.62 -2.91
C GLU B 310 2.18 -19.84 -1.92
N LYS B 311 1.15 -20.46 -1.33
CA LYS B 311 0.28 -19.72 -0.40
C LYS B 311 0.97 -19.44 0.91
N LEU B 312 1.71 -20.42 1.45
CA LEU B 312 2.53 -20.22 2.65
C LEU B 312 3.43 -19.01 2.52
N ASP B 313 4.18 -18.90 1.41
CA ASP B 313 5.01 -17.71 1.18
C ASP B 313 4.20 -16.41 1.13
N LYS B 314 3.12 -16.39 0.32
CA LYS B 314 2.15 -15.27 0.32
C LYS B 314 1.82 -14.80 1.72
N MET B 315 1.61 -15.75 2.62
CA MET B 315 1.21 -15.40 3.98
C MET B 315 2.32 -14.96 4.88
N ILE B 316 3.52 -15.50 4.65
CA ILE B 316 4.71 -14.99 5.27
C ILE B 316 5.02 -13.55 4.84
N ARG B 317 5.02 -13.27 3.53
CA ARG B 317 5.24 -11.87 3.06
C ARG B 317 4.12 -10.97 3.59
N SER B 318 2.88 -11.43 3.52
CA SER B 318 1.77 -10.61 4.03
C SER B 318 1.91 -10.29 5.51
N ALA B 319 2.24 -11.28 6.34
CA ALA B 319 2.38 -10.98 7.76
C ALA B 319 3.51 -10.02 8.04
N ILE B 320 4.62 -10.18 7.30
CA ILE B 320 5.80 -9.30 7.38
C ILE B 320 5.40 -7.88 6.97
N PHE B 321 4.68 -7.77 5.87
CA PHE B 321 4.18 -6.45 5.41
C PHE B 321 3.46 -5.75 6.50
N HIS B 322 2.49 -6.44 7.11
CA HIS B 322 1.63 -5.82 8.12
C HIS B 322 2.29 -5.59 9.44
N PHE B 323 3.17 -6.49 9.88
CA PHE B 323 3.98 -6.19 11.10
C PHE B 323 4.97 -4.99 10.89
N GLU B 324 5.72 -4.98 9.77
CA GLU B 324 6.57 -3.80 9.38
C GLU B 324 5.74 -2.52 9.39
N SER B 325 4.57 -2.60 8.77
CA SER B 325 3.65 -1.45 8.76
C SER B 325 3.29 -0.97 10.20
N ALA B 326 2.96 -1.89 11.09
CA ALA B 326 2.77 -1.55 12.49
C ALA B 326 3.99 -0.88 13.18
N VAL B 327 5.18 -1.49 13.11
CA VAL B 327 6.37 -0.92 13.80
C VAL B 327 6.82 0.43 13.25
N GLU B 328 6.66 0.66 11.94
CA GLU B 328 6.95 1.96 11.36
C GLU B 328 5.99 3.02 11.91
N LYS B 329 4.72 2.72 12.01
CA LYS B 329 3.77 3.67 12.58
C LYS B 329 3.97 3.87 14.09
N LYS B 330 4.28 2.81 14.81
CA LYS B 330 4.54 2.89 16.25
C LYS B 330 5.80 2.11 16.56
N PRO B 331 6.97 2.80 16.58
CA PRO B 331 8.27 2.18 16.89
C PRO B 331 8.37 1.55 18.28
N THR B 332 7.58 1.98 19.27
CA THR B 332 7.55 1.35 20.61
C THR B 332 6.62 0.13 20.83
N PHE B 333 6.10 -0.40 19.71
CA PHE B 333 5.05 -1.40 19.72
C PHE B 333 5.83 -2.71 19.78
N GLU B 334 6.12 -3.13 20.99
CA GLU B 334 7.05 -4.23 21.25
C GLU B 334 6.57 -5.54 20.67
N VAL B 335 5.35 -5.90 21.00
CA VAL B 335 4.81 -7.16 20.63
C VAL B 335 4.85 -7.30 19.14
N ALA B 336 4.56 -6.19 18.44
CA ALA B 336 4.60 -6.16 16.96
C ALA B 336 6.05 -6.34 16.47
N HIS B 337 6.99 -5.63 17.05
CA HIS B 337 8.42 -5.91 16.80
C HIS B 337 8.83 -7.36 16.99
N LEU B 338 8.26 -8.00 18.01
CA LEU B 338 8.58 -9.38 18.34
C LEU B 338 7.95 -10.34 17.36
N ASP B 339 6.72 -10.09 16.98
CA ASP B 339 6.06 -10.91 15.98
C ASP B 339 6.72 -10.74 14.61
N LEU B 340 7.21 -9.54 14.33
CA LEU B 340 8.01 -9.28 13.13
C LEU B 340 9.30 -10.09 13.13
N ALA B 341 10.01 -10.05 14.25
CA ALA B 341 11.26 -10.80 14.40
C ALA B 341 11.04 -12.25 14.10
N ARG B 342 10.01 -12.84 14.68
CA ARG B 342 9.79 -14.27 14.52
C ARG B 342 9.31 -14.66 13.16
N MET B 343 8.61 -13.75 12.50
CA MET B 343 8.17 -14.00 11.13
C MET B 343 9.37 -13.95 10.16
N TYR B 344 10.32 -13.06 10.42
CA TYR B 344 11.60 -13.05 9.69
C TYR B 344 12.35 -14.39 9.83
N ILE B 345 12.36 -14.97 11.04
CA ILE B 345 12.98 -16.29 11.28
C ILE B 345 12.33 -17.33 10.37
N GLU B 346 11.00 -17.33 10.34
CA GLU B 346 10.25 -18.26 9.48
C GLU B 346 10.56 -18.00 8.01
N ALA B 347 10.88 -16.74 7.66
CA ALA B 347 11.21 -16.35 6.29
C ALA B 347 12.70 -16.52 5.90
N GLY B 348 13.50 -17.10 6.79
CA GLY B 348 14.90 -17.37 6.47
C GLY B 348 15.81 -16.19 6.59
N ASN B 349 15.28 -15.04 7.01
CA ASN B 349 16.02 -13.80 7.03
C ASN B 349 16.47 -13.50 8.45
N HIS B 350 17.68 -13.94 8.82
CA HIS B 350 18.16 -13.82 10.19
C HIS B 350 18.70 -12.45 10.57
N ARG B 351 19.12 -11.65 9.58
CA ARG B 351 19.65 -10.32 9.90
C ARG B 351 18.47 -9.45 10.21
N LYS B 352 17.40 -9.59 9.45
CA LYS B 352 16.18 -8.83 9.76
C LYS B 352 15.61 -9.25 11.15
N ALA B 353 15.65 -10.54 11.45
CA ALA B 353 15.31 -11.00 12.77
C ALA B 353 16.15 -10.26 13.81
N GLU B 354 17.47 -10.32 13.66
CA GLU B 354 18.45 -9.79 14.62
C GLU B 354 18.23 -8.32 14.91
N GLU B 355 18.00 -7.59 13.82
CA GLU B 355 17.85 -6.14 13.84
C GLU B 355 16.66 -5.76 14.72
N ASN B 356 15.55 -6.43 14.51
CA ASN B 356 14.36 -6.25 15.32
C ASN B 356 14.56 -6.68 16.76
N PHE B 357 15.23 -7.82 16.98
CA PHE B 357 15.61 -8.23 18.37
C PHE B 357 16.51 -7.25 19.06
N GLN B 358 17.41 -6.58 18.33
CA GLN B 358 18.27 -5.53 18.95
C GLN B 358 17.52 -4.27 19.36
N LYS B 359 16.54 -3.84 18.55
CA LYS B 359 15.62 -2.73 18.96
C LYS B 359 14.77 -3.09 20.17
N LEU B 360 14.34 -4.36 20.24
CA LEU B 360 13.59 -4.89 21.38
C LEU B 360 14.34 -4.88 22.72
N LEU B 361 15.61 -5.27 22.68
CA LEU B 361 16.42 -5.34 23.90
C LEU B 361 16.67 -4.00 24.57
N CYS B 362 16.50 -2.90 23.85
CA CYS B 362 16.64 -1.53 24.41
C CYS B 362 15.32 -0.91 24.91
N MET B 363 14.23 -1.66 24.97
CA MET B 363 12.94 -1.03 25.30
C MET B 363 12.70 -1.16 26.77
N LYS B 364 11.79 -0.35 27.27
CA LYS B 364 11.35 -0.41 28.63
C LYS B 364 9.83 -0.71 28.65
N PRO B 365 9.43 -1.95 28.31
CA PRO B 365 7.99 -2.26 28.14
C PRO B 365 7.20 -2.04 29.40
N VAL B 366 5.95 -1.59 29.29
CA VAL B 366 5.08 -1.49 30.44
C VAL B 366 4.83 -2.88 30.99
N VAL B 367 4.62 -3.82 30.08
CA VAL B 367 4.30 -5.19 30.40
C VAL B 367 5.61 -5.95 30.60
N GLU B 368 6.09 -6.04 31.84
CA GLU B 368 7.40 -6.71 32.14
C GLU B 368 7.57 -8.13 31.53
N GLU B 369 6.53 -8.93 31.60
CA GLU B 369 6.56 -10.25 31.00
C GLU B 369 7.00 -10.16 29.53
N THR B 370 6.75 -9.02 28.88
CA THR B 370 7.19 -8.83 27.49
C THR B 370 8.71 -8.85 27.35
N MET B 371 9.47 -8.33 28.32
CA MET B 371 10.92 -8.61 28.39
C MET B 371 11.32 -10.09 28.52
N GLN B 372 10.59 -10.86 29.35
CA GLN B 372 10.80 -12.31 29.42
C GLN B 372 10.67 -12.93 28.05
N ASP B 373 9.59 -12.58 27.33
CA ASP B 373 9.34 -13.02 25.94
C ASP B 373 10.44 -12.56 24.98
N ILE B 374 10.85 -11.30 25.09
CA ILE B 374 11.96 -10.76 24.28
C ILE B 374 13.23 -11.61 24.51
N HIS B 375 13.60 -11.87 25.75
CA HIS B 375 14.81 -12.67 26.00
C HIS B 375 14.60 -14.14 25.64
N PHE B 376 13.44 -14.67 25.92
CA PHE B 376 13.20 -16.05 25.66
C PHE B 376 13.39 -16.34 24.18
N HIS B 377 12.74 -15.53 23.36
CA HIS B 377 12.82 -15.71 21.90
C HIS B 377 14.16 -15.31 21.33
N TYR B 378 14.82 -14.30 21.89
CA TYR B 378 16.16 -14.02 21.45
C TYR B 378 17.05 -15.21 21.74
N GLY B 379 16.87 -15.77 22.93
CA GLY B 379 17.55 -16.97 23.32
C GLY B 379 17.34 -18.11 22.39
N ARG B 380 16.09 -18.40 22.02
CA ARG B 380 15.80 -19.45 21.05
C ARG B 380 16.56 -19.16 19.78
N PHE B 381 16.46 -17.93 19.28
CA PHE B 381 17.08 -17.50 18.03
C PHE B 381 18.62 -17.68 18.04
N GLN B 382 19.27 -17.28 19.15
CA GLN B 382 20.65 -17.59 19.40
C GLN B 382 20.98 -19.09 19.42
N GLU B 383 20.14 -19.92 20.03
CA GLU B 383 20.43 -21.36 20.04
C GLU B 383 20.27 -21.96 18.64
N PHE B 384 19.11 -21.80 18.03
CA PHE B 384 18.78 -22.57 16.83
C PHE B 384 19.11 -21.94 15.48
N GLN B 385 19.22 -20.62 15.42
CA GLN B 385 19.59 -19.96 14.18
C GLN B 385 21.07 -19.56 14.19
N LYS B 386 21.46 -18.68 15.13
CA LYS B 386 22.87 -18.31 15.28
C LYS B 386 23.83 -19.40 15.87
N LYS B 387 23.31 -20.45 16.50
CA LYS B 387 24.14 -21.54 17.05
C LYS B 387 25.20 -21.11 18.10
N SER B 388 24.80 -20.17 18.97
CA SER B 388 25.62 -19.64 20.05
C SER B 388 25.00 -20.04 21.40
N ASP B 389 25.39 -21.23 21.88
CA ASP B 389 25.06 -21.73 23.23
C ASP B 389 25.23 -20.69 24.34
N VAL B 390 26.39 -20.05 24.37
CA VAL B 390 26.64 -19.05 25.39
C VAL B 390 25.52 -17.97 25.37
N ASN B 391 25.19 -17.42 24.18
CA ASN B 391 24.18 -16.33 24.12
C ASN B 391 22.72 -16.79 24.42
N ALA B 392 22.35 -17.97 23.94
CA ALA B 392 21.10 -18.59 24.36
C ALA B 392 20.93 -18.55 25.91
N ILE B 393 21.94 -19.12 26.57
CA ILE B 393 21.94 -19.27 27.99
C ILE B 393 21.86 -17.88 28.59
N ILE B 394 22.64 -16.94 28.08
CA ILE B 394 22.64 -15.62 28.68
C ILE B 394 21.19 -15.11 28.77
N HIS B 395 20.45 -15.31 27.69
CA HIS B 395 19.16 -14.69 27.52
C HIS B 395 18.03 -15.48 28.21
N TYR B 396 18.01 -16.79 28.04
CA TYR B 396 17.23 -17.65 28.89
C TYR B 396 17.39 -17.27 30.35
N LEU B 397 18.59 -16.96 30.80
CA LEU B 397 18.80 -16.51 32.16
C LEU B 397 18.23 -15.13 32.41
N LYS B 398 18.37 -14.21 31.47
CA LYS B 398 17.79 -12.85 31.64
C LYS B 398 16.24 -12.86 31.75
N ALA B 399 15.60 -13.78 31.03
CA ALA B 399 14.17 -13.99 31.14
C ALA B 399 13.80 -14.53 32.54
N ILE B 400 14.53 -15.57 32.94
CA ILE B 400 14.38 -16.21 34.23
C ILE B 400 14.63 -15.19 35.34
N LYS B 401 15.67 -14.40 35.21
CA LYS B 401 15.95 -13.27 36.13
C LYS B 401 14.71 -12.46 36.47
N ILE B 402 14.06 -11.90 35.46
CA ILE B 402 12.83 -11.11 35.65
C ILE B 402 11.78 -11.83 36.52
N GLU B 403 11.46 -11.20 37.65
CA GLU B 403 10.57 -11.82 38.64
C GLU B 403 9.11 -11.70 38.20
N GLN B 404 8.57 -12.78 37.63
CA GLN B 404 7.17 -12.83 37.23
C GLN B 404 6.82 -14.28 36.82
N ALA B 405 5.86 -14.91 37.49
CA ALA B 405 5.46 -16.28 37.14
C ALA B 405 4.73 -16.26 35.79
N SER B 406 5.19 -17.05 34.85
CA SER B 406 4.63 -17.04 33.51
C SER B 406 4.96 -18.31 32.77
N LEU B 407 4.16 -18.62 31.74
CA LEU B 407 4.42 -19.72 30.81
C LEU B 407 5.79 -19.55 30.10
N THR B 408 6.08 -18.30 29.70
CA THR B 408 7.32 -17.94 29.04
C THR B 408 8.58 -18.12 29.95
N ARG B 409 8.45 -17.88 31.23
CA ARG B 409 9.54 -18.14 32.17
C ARG B 409 9.77 -19.62 32.40
N ASP B 410 8.68 -20.39 32.48
CA ASP B 410 8.77 -21.83 32.58
C ASP B 410 9.34 -22.35 31.29
N LYS B 411 9.04 -21.68 30.18
CA LYS B 411 9.60 -22.06 28.86
C LYS B 411 11.12 -21.81 28.78
N SER B 412 11.55 -20.70 29.32
CA SER B 412 12.94 -20.41 29.44
C SER B 412 13.72 -21.44 30.27
N ILE B 413 13.12 -21.85 31.39
CA ILE B 413 13.75 -22.79 32.33
C ILE B 413 13.93 -24.11 31.63
N ASN B 414 12.87 -24.52 30.98
CA ASN B 414 12.88 -25.71 30.18
C ASN B 414 13.87 -25.63 29.00
N SER B 415 13.95 -24.49 28.35
CA SER B 415 14.92 -24.35 27.30
C SER B 415 16.35 -24.30 27.85
N LEU B 416 16.53 -23.76 29.05
CA LEU B 416 17.86 -23.73 29.66
C LEU B 416 18.35 -25.16 29.95
N LYS B 417 17.45 -25.95 30.53
CA LYS B 417 17.66 -27.36 30.84
C LYS B 417 18.09 -28.24 29.67
N LYS B 418 17.38 -28.11 28.56
CA LYS B 418 17.69 -28.90 27.35
C LYS B 418 19.08 -28.57 26.86
N LEU B 419 19.41 -27.28 26.90
CA LEU B 419 20.67 -26.83 26.39
C LEU B 419 21.78 -27.31 27.32
N VAL B 420 21.54 -27.26 28.62
CA VAL B 420 22.57 -27.59 29.59
C VAL B 420 22.75 -29.10 29.68
N LEU B 421 21.65 -29.86 29.64
CA LEU B 421 21.76 -31.32 29.59
C LEU B 421 22.51 -31.81 28.36
N ARG B 422 22.41 -31.07 27.25
CA ARG B 422 23.14 -31.44 26.03
CA ARG B 422 23.11 -31.42 26.02
C ARG B 422 24.63 -31.21 26.23
N LYS B 423 25.00 -29.98 26.60
CA LYS B 423 26.36 -29.63 26.97
C LYS B 423 26.98 -30.70 27.86
N LEU B 424 26.24 -31.14 28.88
CA LEU B 424 26.74 -32.21 29.75
C LEU B 424 27.04 -33.51 29.03
N ARG B 425 26.23 -33.89 28.04
CA ARG B 425 26.47 -35.14 27.30
C ARG B 425 27.80 -35.09 26.53
N ARG B 426 28.20 -33.91 26.08
CA ARG B 426 29.52 -33.71 25.51
C ARG B 426 30.62 -33.66 26.57
N LYS B 427 30.32 -33.12 27.74
CA LYS B 427 31.32 -32.80 28.75
C LYS B 427 30.64 -32.74 30.11
N ALA B 428 30.73 -33.84 30.85
CA ALA B 428 30.10 -34.02 32.15
C ALA B 428 30.77 -33.23 33.28
N LEU B 429 32.09 -33.07 33.18
CA LEU B 429 32.91 -32.39 34.19
C LEU B 429 33.07 -30.92 33.81
N ASP B 430 32.06 -30.12 34.15
CA ASP B 430 32.03 -28.70 33.80
C ASP B 430 31.33 -27.98 34.90
N LEU B 431 31.99 -27.01 35.50
CA LEU B 431 31.50 -26.46 36.75
C LEU B 431 30.22 -25.64 36.49
N GLU B 432 30.27 -24.81 35.45
CA GLU B 432 29.18 -23.97 35.01
C GLU B 432 27.96 -24.83 34.73
N SER B 433 28.13 -25.81 33.84
CA SER B 433 27.03 -26.62 33.38
C SER B 433 26.41 -27.44 34.48
N LEU B 434 27.21 -27.90 35.45
CA LEU B 434 26.63 -28.61 36.58
C LEU B 434 25.93 -27.61 37.47
N SER B 435 26.53 -26.43 37.63
CA SER B 435 25.90 -25.43 38.46
C SER B 435 24.57 -25.00 37.84
N LEU B 436 24.53 -24.91 36.52
CA LEU B 436 23.33 -24.50 35.81
C LEU B 436 22.21 -25.55 35.93
N LEU B 437 22.56 -26.82 35.74
CA LEU B 437 21.58 -27.88 35.94
C LEU B 437 20.99 -27.85 37.39
N GLY B 438 21.82 -27.49 38.37
CA GLY B 438 21.41 -27.41 39.75
C GLY B 438 20.41 -26.31 39.93
N PHE B 439 20.72 -25.17 39.33
CA PHE B 439 19.85 -23.99 39.26
C PHE B 439 18.50 -24.28 38.63
N VAL B 440 18.48 -24.97 37.51
CA VAL B 440 17.25 -25.32 36.82
C VAL B 440 16.39 -26.18 37.72
N TYR B 441 16.99 -27.18 38.35
CA TYR B 441 16.21 -28.08 39.25
C TYR B 441 15.62 -27.28 40.39
N LYS B 442 16.39 -26.31 40.90
CA LYS B 442 15.93 -25.42 41.95
C LYS B 442 14.70 -24.63 41.52
N LEU B 443 14.71 -24.10 40.30
CA LEU B 443 13.59 -23.29 39.81
C LEU B 443 12.35 -24.11 39.47
N GLU B 444 12.59 -25.39 39.14
CA GLU B 444 11.55 -26.38 39.04
C GLU B 444 10.99 -26.87 40.40
N GLY B 445 11.47 -26.37 41.53
CA GLY B 445 11.07 -26.95 42.82
C GLY B 445 11.70 -28.29 43.22
N ASN B 446 12.56 -28.86 42.40
CA ASN B 446 13.16 -30.17 42.64
C ASN B 446 14.42 -30.05 43.47
N MET B 447 14.28 -29.93 44.79
CA MET B 447 15.43 -29.49 45.55
C MET B 447 16.44 -30.56 45.83
N ASN B 448 16.06 -31.83 45.84
CA ASN B 448 17.03 -32.88 46.10
C ASN B 448 18.08 -32.90 45.00
N GLU B 449 17.63 -32.77 43.76
CA GLU B 449 18.49 -32.87 42.60
C GLU B 449 19.28 -31.56 42.46
N ALA B 450 18.66 -30.45 42.87
CA ALA B 450 19.37 -29.17 42.85
C ALA B 450 20.58 -29.25 43.78
N LEU B 451 20.32 -29.61 45.02
CA LEU B 451 21.39 -29.76 46.02
C LEU B 451 22.42 -30.81 45.61
N GLU B 452 21.97 -31.91 45.01
CA GLU B 452 22.88 -32.93 44.46
C GLU B 452 23.86 -32.33 43.44
N TYR B 453 23.39 -31.49 42.51
CA TYR B 453 24.20 -30.98 41.40
C TYR B 453 25.11 -29.86 41.84
N TYR B 454 24.63 -29.01 42.75
CA TYR B 454 25.51 -28.01 43.35
C TYR B 454 26.68 -28.72 44.09
N GLU B 455 26.36 -29.75 44.87
CA GLU B 455 27.36 -30.60 45.54
C GLU B 455 28.33 -31.21 44.51
N ARG B 456 27.84 -31.79 43.42
CA ARG B 456 28.76 -32.26 42.39
C ARG B 456 29.63 -31.10 41.89
N ALA B 457 29.06 -29.91 41.71
CA ALA B 457 29.85 -28.77 41.24
C ALA B 457 30.88 -28.36 42.26
N LEU B 458 30.50 -28.31 43.54
CA LEU B 458 31.45 -27.95 44.61
C LEU B 458 32.56 -28.99 44.73
N ARG B 459 32.20 -30.27 44.64
CA ARG B 459 33.19 -31.33 44.60
C ARG B 459 34.09 -31.23 43.41
N LEU B 460 33.57 -30.90 42.24
CA LEU B 460 34.43 -30.81 41.06
C LEU B 460 35.46 -29.74 41.28
N ALA B 461 35.06 -28.61 41.88
CA ALA B 461 35.99 -27.51 42.15
C ALA B 461 37.26 -27.99 42.91
N ALA B 462 37.09 -28.87 43.92
CA ALA B 462 38.22 -29.44 44.70
C ALA B 462 38.84 -30.67 44.02
N ASP B 463 39.45 -30.42 42.88
CA ASP B 463 39.83 -31.48 41.91
C ASP B 463 41.21 -32.10 42.20
N ASN C 1 23.45 -26.67 -19.58
CA ASN C 1 22.91 -26.34 -18.21
C ASN C 1 21.59 -27.08 -17.89
N TYR C 2 21.44 -28.30 -18.41
CA TYR C 2 20.24 -29.09 -18.12
C TYR C 2 20.04 -29.30 -16.61
N TRP C 3 21.11 -29.56 -15.87
CA TRP C 3 20.99 -29.90 -14.44
C TRP C 3 20.72 -28.71 -13.52
N TYR C 4 21.29 -27.57 -13.87
CA TYR C 4 20.89 -26.30 -13.29
C TYR C 4 19.37 -26.09 -13.40
N LEU C 5 18.81 -26.28 -14.60
CA LEU C 5 17.38 -26.01 -14.83
C LEU C 5 16.52 -27.00 -14.09
N GLN C 6 16.96 -28.26 -14.05
CA GLN C 6 16.26 -29.25 -13.24
C GLN C 6 16.24 -28.89 -11.76
N GLY C 7 17.34 -28.28 -11.31
CA GLY C 7 17.44 -27.80 -9.94
C GLY C 7 16.46 -26.70 -9.61
N LEU C 8 16.38 -25.73 -10.51
CA LEU C 8 15.50 -24.56 -10.31
C LEU C 8 14.05 -25.02 -10.22
N ILE C 9 13.65 -25.94 -11.09
CA ILE C 9 12.30 -26.50 -11.05
C ILE C 9 12.00 -27.11 -9.67
N HIS C 10 12.89 -27.96 -9.14
CA HIS C 10 12.70 -28.53 -7.79
C HIS C 10 12.69 -27.44 -6.77
N LYS C 11 13.62 -26.49 -6.88
CA LYS C 11 13.67 -25.39 -5.91
C LYS C 11 12.36 -24.64 -5.89
N GLN C 12 11.74 -24.45 -7.08
CA GLN C 12 10.54 -23.62 -7.18
C GLN C 12 9.32 -24.34 -6.70
N ASN C 13 9.42 -25.66 -6.61
CA ASN C 13 8.39 -26.47 -6.01
C ASN C 13 8.54 -26.69 -4.51
N GLY C 14 9.75 -26.46 -4.00
CA GLY C 14 10.05 -26.65 -2.57
C GLY C 14 10.87 -27.89 -2.24
N ASP C 15 11.27 -28.66 -3.26
CA ASP C 15 12.12 -29.86 -3.11
C ASP C 15 13.54 -29.36 -3.04
N LEU C 16 13.89 -28.76 -1.92
CA LEU C 16 15.21 -28.24 -1.75
C LEU C 16 16.25 -29.36 -1.90
N LEU C 17 15.93 -30.55 -1.41
CA LEU C 17 16.88 -31.68 -1.43
C LEU C 17 17.12 -32.27 -2.82
N GLN C 18 16.07 -32.43 -3.62
CA GLN C 18 16.27 -32.74 -5.04
C GLN C 18 16.97 -31.60 -5.80
N ALA C 19 16.73 -30.36 -5.40
CA ALA C 19 17.38 -29.20 -6.00
C ALA C 19 18.89 -29.28 -5.81
N ALA C 20 19.30 -29.57 -4.58
CA ALA C 20 20.72 -29.79 -4.27
C ALA C 20 21.31 -30.90 -5.11
N LYS C 21 20.55 -32.00 -5.25
CA LYS C 21 21.02 -33.20 -5.99
C LYS C 21 21.30 -32.92 -7.46
N CYS C 22 20.41 -32.17 -8.08
CA CYS C 22 20.56 -31.78 -9.45
C CYS C 22 21.81 -30.96 -9.58
N TYR C 23 21.93 -29.88 -8.80
CA TYR C 23 23.14 -29.02 -8.89
C TYR C 23 24.44 -29.82 -8.59
N GLU C 24 24.34 -30.76 -7.65
CA GLU C 24 25.50 -31.58 -7.30
C GLU C 24 25.99 -32.35 -8.52
N LYS C 25 25.06 -32.96 -9.26
CA LYS C 25 25.39 -33.73 -10.46
C LYS C 25 26.20 -32.94 -11.46
N GLU C 26 25.87 -31.67 -11.65
CA GLU C 26 26.63 -30.83 -12.56
C GLU C 26 27.92 -30.33 -11.94
N LEU C 27 27.87 -29.89 -10.68
CA LEU C 27 29.10 -29.41 -10.00
C LEU C 27 30.09 -30.57 -9.76
N GLY C 28 29.57 -31.78 -9.59
CA GLY C 28 30.40 -32.97 -9.52
C GLY C 28 31.24 -33.05 -10.78
N ARG C 29 30.55 -33.09 -11.91
CA ARG C 29 31.20 -33.23 -13.19
C ARG C 29 32.29 -32.20 -13.37
N LEU C 30 32.00 -30.95 -13.05
CA LEU C 30 33.00 -29.87 -13.13
C LEU C 30 34.21 -30.10 -12.22
N LEU C 31 33.96 -30.72 -11.08
CA LEU C 31 34.97 -30.91 -10.04
C LEU C 31 35.42 -32.35 -9.89
N ARG C 32 35.20 -33.18 -10.91
CA ARG C 32 35.60 -34.59 -10.86
C ARG C 32 37.12 -34.78 -10.65
N ASP C 33 37.93 -33.93 -11.30
CA ASP C 33 39.40 -33.90 -11.13
C ASP C 33 39.88 -32.89 -10.06
N ALA C 34 39.04 -32.56 -9.08
CA ALA C 34 39.45 -31.66 -7.98
C ALA C 34 40.21 -32.48 -6.92
N PRO C 35 41.26 -31.90 -6.30
CA PRO C 35 42.11 -32.72 -5.43
C PRO C 35 41.44 -33.19 -4.11
N SER C 36 40.51 -32.39 -3.57
CA SER C 36 39.77 -32.72 -2.31
C SER C 36 38.92 -34.00 -2.31
N GLY C 37 38.37 -34.37 -3.47
CA GLY C 37 37.47 -35.52 -3.56
C GLY C 37 36.01 -35.14 -3.51
N ILE C 38 35.70 -33.83 -3.58
CA ILE C 38 34.29 -33.35 -3.49
C ILE C 38 33.48 -33.75 -4.73
N GLY C 39 34.13 -33.73 -5.91
CA GLY C 39 33.52 -34.14 -7.18
C GLY C 39 32.97 -35.56 -7.16
N SER C 40 33.69 -36.46 -6.53
CA SER C 40 33.25 -37.83 -6.41
C SER C 40 32.11 -37.97 -5.40
N ILE C 41 32.20 -37.28 -4.28
CA ILE C 41 31.11 -37.32 -3.29
C ILE C 41 29.77 -36.88 -3.92
N PHE C 42 29.82 -35.88 -4.82
CA PHE C 42 28.65 -35.36 -5.55
C PHE C 42 28.05 -36.36 -6.56
N LEU C 43 28.91 -37.05 -7.33
CA LEU C 43 28.48 -38.06 -8.31
C LEU C 43 28.10 -39.45 -7.75
N SER C 44 28.06 -39.65 -6.43
CA SER C 44 27.69 -40.96 -5.82
C SER C 44 26.21 -41.33 -6.00
N ASN D 1 -2.93 29.93 4.67
CA ASN D 1 -2.79 29.23 5.99
C ASN D 1 -3.75 29.82 7.04
N TYR D 2 -3.50 31.02 7.56
CA TYR D 2 -4.40 31.57 8.56
C TYR D 2 -5.90 31.46 8.14
N TRP D 3 -6.22 31.94 6.94
CA TRP D 3 -7.60 32.01 6.46
C TRP D 3 -8.21 30.64 6.11
N TYR D 4 -7.35 29.73 5.65
CA TYR D 4 -7.67 28.32 5.50
C TYR D 4 -8.18 27.73 6.81
N LEU D 5 -7.47 28.01 7.90
CA LEU D 5 -7.78 27.47 9.22
C LEU D 5 -9.03 28.11 9.82
N GLN D 6 -9.18 29.41 9.64
CA GLN D 6 -10.41 30.11 10.03
C GLN D 6 -11.60 29.51 9.30
N GLY D 7 -11.41 29.24 8.03
CA GLY D 7 -12.44 28.64 7.22
C GLY D 7 -12.90 27.26 7.69
N LEU D 8 -11.94 26.41 8.05
CA LEU D 8 -12.24 25.04 8.49
C LEU D 8 -13.09 25.06 9.75
N ILE D 9 -12.76 25.98 10.65
CA ILE D 9 -13.47 26.18 11.92
C ILE D 9 -14.92 26.48 11.69
N HIS D 10 -15.20 27.47 10.83
CA HIS D 10 -16.59 27.79 10.45
C HIS D 10 -17.27 26.61 9.81
N LYS D 11 -16.56 25.96 8.89
CA LYS D 11 -17.08 24.80 8.19
C LYS D 11 -17.46 23.71 9.15
N GLN D 12 -16.56 23.39 10.12
CA GLN D 12 -16.81 22.32 11.07
CA GLN D 12 -16.81 22.32 11.09
C GLN D 12 -17.96 22.65 12.02
N ASN D 13 -18.29 23.93 12.13
CA ASN D 13 -19.43 24.39 12.91
C ASN D 13 -20.79 24.50 12.14
N GLY D 14 -20.74 24.39 10.83
CA GLY D 14 -21.93 24.57 10.00
C GLY D 14 -22.13 25.92 9.29
N ASP D 15 -21.25 26.92 9.53
CA ASP D 15 -21.35 28.22 8.84
C ASP D 15 -20.61 28.13 7.52
N LEU D 16 -21.24 27.47 6.58
CA LEU D 16 -20.57 27.21 5.33
C LEU D 16 -20.30 28.50 4.53
N LEU D 17 -21.15 29.51 4.70
CA LEU D 17 -20.95 30.80 4.07
C LEU D 17 -19.78 31.56 4.62
N GLN D 18 -19.65 31.62 5.94
CA GLN D 18 -18.43 32.17 6.55
C GLN D 18 -17.16 31.40 6.15
N ALA D 19 -17.28 30.09 6.02
CA ALA D 19 -16.15 29.28 5.57
C ALA D 19 -15.69 29.79 4.23
N ALA D 20 -16.63 29.88 3.30
CA ALA D 20 -16.35 30.38 1.97
C ALA D 20 -15.72 31.77 1.98
N LYS D 21 -16.19 32.69 2.82
CA LYS D 21 -15.60 34.04 2.86
C LYS D 21 -14.15 34.01 3.25
N CYS D 22 -13.88 33.27 4.32
CA CYS D 22 -12.52 33.07 4.78
C CYS D 22 -11.68 32.51 3.68
N TYR D 23 -12.12 31.45 3.01
CA TYR D 23 -11.30 30.90 1.89
C TYR D 23 -11.09 31.92 0.78
N GLU D 24 -12.16 32.67 0.49
CA GLU D 24 -12.12 33.68 -0.55
C GLU D 24 -11.05 34.72 -0.28
N LYS D 25 -10.79 35.04 0.99
CA LYS D 25 -9.76 36.01 1.35
C LYS D 25 -8.36 35.58 0.90
N GLU D 26 -8.00 34.34 1.20
CA GLU D 26 -6.72 33.85 0.73
C GLU D 26 -6.69 33.62 -0.78
N LEU D 27 -7.77 33.10 -1.33
CA LEU D 27 -7.88 32.93 -2.80
C LEU D 27 -7.92 34.26 -3.57
N GLY D 28 -8.54 35.26 -2.92
CA GLY D 28 -8.47 36.66 -3.34
C GLY D 28 -7.05 37.20 -3.45
N ARG D 29 -6.24 36.95 -2.42
CA ARG D 29 -4.86 37.41 -2.42
C ARG D 29 -4.11 36.70 -3.54
N LEU D 30 -4.10 35.38 -3.53
CA LEU D 30 -3.46 34.61 -4.59
C LEU D 30 -3.81 35.02 -6.04
N LEU D 31 -5.01 35.55 -6.27
CA LEU D 31 -5.53 35.85 -7.62
C LEU D 31 -5.78 37.35 -7.89
N ARG D 32 -5.18 38.21 -7.07
CA ARG D 32 -5.46 39.64 -7.16
C ARG D 32 -5.02 40.20 -8.50
N ASP D 33 -3.89 39.69 -9.02
CA ASP D 33 -3.44 39.96 -10.40
C ASP D 33 -3.72 38.75 -11.26
N ALA D 34 -5.00 38.59 -11.58
CA ALA D 34 -5.50 37.54 -12.46
C ALA D 34 -6.45 38.21 -13.47
N PRO D 35 -6.40 37.77 -14.76
CA PRO D 35 -7.07 38.55 -15.80
C PRO D 35 -8.61 38.61 -15.64
N SER D 36 -9.25 37.50 -15.25
CA SER D 36 -10.70 37.44 -14.94
C SER D 36 -11.26 38.51 -13.97
N GLY D 37 -10.48 38.90 -12.98
CA GLY D 37 -11.02 39.78 -11.95
C GLY D 37 -11.76 39.05 -10.84
N ILE D 38 -11.63 37.73 -10.79
CA ILE D 38 -12.21 36.98 -9.67
C ILE D 38 -11.54 37.39 -8.35
N GLY D 39 -10.23 37.73 -8.39
CA GLY D 39 -9.49 38.36 -7.29
C GLY D 39 -10.26 39.46 -6.58
N SER D 40 -10.75 40.44 -7.33
CA SER D 40 -11.46 41.61 -6.79
C SER D 40 -12.85 41.28 -6.25
N ILE D 41 -13.57 40.41 -6.97
CA ILE D 41 -14.85 39.90 -6.48
C ILE D 41 -14.69 39.23 -5.10
N PHE D 42 -13.60 38.47 -4.92
CA PHE D 42 -13.34 37.77 -3.67
C PHE D 42 -13.04 38.75 -2.53
N LEU D 43 -12.34 39.86 -2.83
CA LEU D 43 -12.05 40.91 -1.82
C LEU D 43 -13.18 41.92 -1.54
N SER D 44 -14.37 41.75 -2.13
CA SER D 44 -15.56 42.56 -1.77
C SER D 44 -16.02 42.32 -0.31
PA M7G E 1 1.16 -4.70 -15.32
O1A M7G E 1 2.67 -4.74 -15.58
O2A M7G E 1 0.60 -3.54 -14.52
O3A M7G E 1 0.37 -4.68 -16.70
O5' M7G E 1 0.59 -5.93 -14.47
PB M7G E 1 0.97 -4.89 -18.18
O1B M7G E 1 -0.24 -5.52 -18.82
O2B M7G E 1 2.08 -5.87 -18.09
O3B M7G E 1 1.34 -3.52 -18.76
C5' M7G E 1 0.52 -7.21 -15.01
C4' M7G E 1 -0.85 -7.79 -15.35
O4' M7G E 1 -1.54 -8.44 -14.29
C3' M7G E 1 -1.81 -6.79 -15.92
O3' M7G E 1 -1.78 -7.04 -17.31
C2' M7G E 1 -3.15 -7.05 -15.31
O2' M7G E 1 -4.27 -6.99 -16.22
C1' M7G E 1 -2.89 -8.42 -14.72
N9 M7G E 1 -3.75 -8.78 -13.57
C8 M7G E 1 -4.21 -7.73 -12.65
N7 M7G E 1 -4.93 -8.62 -11.76
CM7 M7G E 1 -5.60 -7.91 -10.66
C5 M7G E 1 -4.89 -9.88 -12.10
C6 M7G E 1 -5.50 -11.08 -11.53
O6 M7G E 1 -6.21 -11.03 -10.48
N1 M7G E 1 -5.20 -12.23 -12.22
C2 M7G E 1 -4.44 -12.27 -13.35
N2 M7G E 1 -4.21 -13.46 -13.96
N3 M7G E 1 -3.86 -11.19 -13.93
C4 M7G E 1 -4.10 -10.01 -13.33
PA M7G F 1 -9.02 3.26 20.31
O1A M7G F 1 -9.55 1.83 20.08
O2A M7G F 1 -8.28 3.84 19.12
O3A M7G F 1 -8.19 3.31 21.72
O5' M7G F 1 -10.33 4.05 20.78
PB M7G F 1 -6.72 3.87 21.96
O1B M7G F 1 -5.77 2.71 21.77
O2B M7G F 1 -6.78 4.34 23.38
O3B M7G F 1 -6.54 5.05 21.02
C5' M7G F 1 -10.20 5.39 21.16
C4' M7G F 1 -10.56 5.70 22.61
O4' M7G F 1 -11.92 5.99 22.73
C3' M7G F 1 -10.21 4.64 23.64
O3' M7G F 1 -9.06 4.99 24.41
C2' M7G F 1 -11.42 4.56 24.51
O2' M7G F 1 -11.11 4.43 25.89
C1' M7G F 1 -12.17 5.82 24.12
N9 M7G F 1 -13.62 5.70 24.39
C8 M7G F 1 -14.32 4.41 24.20
N7 M7G F 1 -15.65 4.84 24.61
CM7 M7G F 1 -16.68 3.77 24.60
C5 M7G F 1 -15.69 6.11 24.94
C6 M7G F 1 -16.79 6.93 25.38
O6 M7G F 1 -17.91 6.41 25.50
N1 M7G F 1 -16.44 8.22 25.65
C2 M7G F 1 -15.17 8.72 25.47
N2 M7G F 1 -14.93 10.03 25.73
N3 M7G F 1 -14.11 8.01 25.04
C4 M7G F 1 -14.34 6.71 24.79
MG MG G . -3.67 4.12 24.70
MG MG H . 4.87 -1.53 -21.42
MG MG I . 2.83 12.38 -21.81
MG MG J . -0.07 12.61 -17.20
#